data_3CPX
#
_entry.id   3CPX
#
_cell.length_a   83.840
_cell.length_b   83.840
_cell.length_c   682.310
_cell.angle_alpha   90.000
_cell.angle_beta   90.000
_cell.angle_gamma   120.000
#
_symmetry.space_group_name_H-M   'P 61 2 2'
#
loop_
_entity.id
_entity.type
_entity.pdbx_description
1 polymer 'Aminopeptidase, M42 family'
2 non-polymer 'FE (III) ION'
3 non-polymer 1,2-ETHANEDIOL
4 non-polymer 'CHLORIDE ION'
5 water water
#
_entity_poly.entity_id   1
_entity_poly.type   'polypeptide(L)'
_entity_poly.pdbx_seq_one_letter_code
;(MSE)GSDKIHHHHHHENLYFQG(MSE)QLLKELCSIHAPSGNEEPLKDFILEYIRSNAGSWSYQPVIYADNDLQDCIVL
VFGNPRTAVFAH(MSE)DSIGFTVSYNNHLHPIGSPSAKEGYRLVGKDSNGDIEGVLKIVDEEW(MSE)LETDRLIDRGT
EVTFKPDFREEGDFILTPYLDDRLGVWTALELAKTLEHGIIAFTCWEEHGGGSVAYLARWIYETFHVKQSLICDITWVTE
GVEAGKGVAIS(MSE)RDR(MSE)IPRKKYVNRIIELARQTDIPFQLEVEGAGASDGRELQLSPYPWDWCFIGAPEKDAH
TPNECVHKKDIES(MSE)VGLYKYL(MSE)EKL
;
_entity_poly.pdbx_strand_id   A,B,C
#
# COMPACT_ATOMS: atom_id res chain seq x y z
N GLU A 13 -21.60 -9.36 -34.24
CA GLU A 13 -20.64 -9.01 -35.36
C GLU A 13 -19.30 -8.47 -34.77
N ASN A 14 -19.44 -7.70 -33.70
CA ASN A 14 -18.28 -7.10 -33.00
C ASN A 14 -17.38 -8.22 -32.43
N LEU A 15 -18.04 -9.35 -32.15
CA LEU A 15 -17.42 -10.53 -31.51
C LEU A 15 -16.43 -11.17 -32.48
N TYR A 16 -16.34 -10.57 -33.68
CA TYR A 16 -15.40 -11.08 -34.70
C TYR A 16 -14.40 -10.06 -35.21
N PHE A 17 -14.63 -8.81 -34.81
CA PHE A 17 -13.76 -7.70 -35.22
C PHE A 17 -12.29 -8.02 -35.07
N GLN A 18 -11.54 -7.29 -35.88
CA GLN A 18 -10.09 -7.42 -35.94
C GLN A 18 -9.46 -6.09 -36.14
N GLY A 19 -8.14 -6.16 -36.27
CA GLY A 19 -7.32 -4.98 -36.43
C GLY A 19 -7.84 -3.81 -35.64
N GLN A 21 -10.47 -2.25 -35.93
CA GLN A 21 -11.91 -2.25 -35.65
C GLN A 21 -12.13 -2.87 -34.29
N LEU A 22 -11.20 -3.73 -33.92
CA LEU A 22 -11.31 -4.43 -32.65
C LEU A 22 -10.94 -3.41 -31.60
N LEU A 23 -10.04 -2.51 -31.97
CA LEU A 23 -9.54 -1.49 -31.05
C LEU A 23 -10.59 -0.41 -30.83
N LYS A 24 -11.36 -0.17 -31.89
CA LYS A 24 -12.41 0.85 -31.88
C LYS A 24 -13.46 0.39 -30.89
N GLU A 25 -13.74 -0.90 -30.99
CA GLU A 25 -14.82 -1.51 -30.21
C GLU A 25 -14.37 -1.52 -28.76
N LEU A 26 -13.13 -1.91 -28.55
CA LEU A 26 -12.62 -1.97 -27.19
C LEU A 26 -12.70 -0.60 -26.56
N CYS A 27 -12.37 0.41 -27.34
CA CYS A 27 -12.34 1.77 -26.79
C CYS A 27 -13.68 2.35 -26.56
N SER A 28 -14.68 1.75 -27.19
CA SER A 28 -16.02 2.32 -27.16
C SER A 28 -16.81 1.83 -25.96
N ILE A 29 -16.34 0.72 -25.41
CA ILE A 29 -17.02 0.07 -24.28
C ILE A 29 -16.75 0.80 -22.98
N HIS A 30 -17.84 1.32 -22.44
CA HIS A 30 -17.86 2.06 -21.18
C HIS A 30 -17.48 1.14 -20.05
N ALA A 31 -16.27 1.36 -19.54
CA ALA A 31 -15.73 0.53 -18.44
C ALA A 31 -14.75 1.28 -17.54
N PRO A 32 -15.27 2.19 -16.73
CA PRO A 32 -14.37 2.89 -15.85
C PRO A 32 -14.03 2.03 -14.67
N SER A 33 -13.02 2.45 -13.95
CA SER A 33 -12.62 1.74 -12.76
C SER A 33 -13.83 1.42 -11.89
N GLY A 34 -13.84 0.18 -11.43
CA GLY A 34 -14.90 -0.28 -10.54
C GLY A 34 -16.10 -0.83 -11.27
N ASN A 35 -16.09 -0.68 -12.58
CA ASN A 35 -17.22 -1.16 -13.39
C ASN A 35 -16.73 -1.67 -14.73
N GLU A 36 -15.77 -2.57 -14.68
CA GLU A 36 -15.13 -3.08 -15.87
C GLU A 36 -15.93 -4.20 -16.47
N GLU A 37 -16.98 -4.58 -15.76
CA GLU A 37 -17.77 -5.73 -16.17
C GLU A 37 -18.17 -5.75 -17.65
N PRO A 38 -18.60 -4.62 -18.18
CA PRO A 38 -19.00 -4.77 -19.56
C PRO A 38 -17.86 -5.21 -20.46
N LEU A 39 -16.65 -4.78 -20.14
CA LEU A 39 -15.55 -5.06 -21.06
C LEU A 39 -15.18 -6.52 -20.87
N LYS A 40 -15.25 -6.93 -19.62
CA LYS A 40 -14.95 -8.29 -19.25
C LYS A 40 -15.81 -9.19 -20.10
N ASP A 41 -17.07 -8.77 -20.11
CA ASP A 41 -18.14 -9.53 -20.80
C ASP A 41 -17.85 -9.63 -22.30
N PHE A 42 -17.41 -8.53 -22.87
CA PHE A 42 -17.05 -8.51 -24.27
C PHE A 42 -15.77 -9.31 -24.48
N ILE A 43 -14.79 -9.13 -23.62
CA ILE A 43 -13.52 -9.82 -23.83
C ILE A 43 -13.72 -11.33 -23.77
N LEU A 44 -14.71 -11.72 -23.00
CA LEU A 44 -14.96 -13.13 -22.72
C LEU A 44 -15.72 -13.72 -23.92
N GLU A 45 -16.72 -12.98 -24.40
CA GLU A 45 -17.47 -13.48 -25.54
C GLU A 45 -16.52 -13.62 -26.74
N TYR A 46 -15.58 -12.69 -26.74
CA TYR A 46 -14.66 -12.57 -27.85
C TYR A 46 -13.67 -13.70 -27.84
N ILE A 47 -13.13 -13.95 -26.66
CA ILE A 47 -12.16 -15.02 -26.51
C ILE A 47 -12.82 -16.35 -26.86
N ARG A 48 -14.08 -16.49 -26.49
CA ARG A 48 -14.79 -17.77 -26.67
C ARG A 48 -15.17 -18.01 -28.09
N SER A 49 -15.06 -16.99 -28.93
CA SER A 49 -15.48 -17.15 -30.34
C SER A 49 -14.28 -17.44 -31.19
N ASN A 50 -13.17 -16.87 -30.76
CA ASN A 50 -11.93 -16.83 -31.56
C ASN A 50 -10.78 -17.72 -31.08
N ALA A 51 -10.86 -18.16 -29.85
CA ALA A 51 -9.76 -18.94 -29.29
C ALA A 51 -9.45 -20.13 -30.17
N GLY A 52 -10.45 -20.51 -30.97
CA GLY A 52 -10.37 -21.73 -31.77
C GLY A 52 -9.46 -21.54 -32.95
N SER A 53 -9.31 -20.28 -33.31
CA SER A 53 -8.52 -19.90 -34.48
C SER A 53 -7.08 -19.71 -34.10
N TRP A 54 -6.84 -19.71 -32.79
CA TRP A 54 -5.50 -19.45 -32.26
C TRP A 54 -4.59 -20.64 -32.36
N SER A 55 -3.32 -20.36 -32.22
CA SER A 55 -2.31 -21.39 -32.35
C SER A 55 -2.44 -22.36 -31.19
N TYR A 56 -2.87 -21.81 -30.08
CA TYR A 56 -3.02 -22.57 -28.84
C TYR A 56 -4.24 -22.10 -28.07
N GLN A 57 -4.99 -23.06 -27.57
CA GLN A 57 -6.19 -22.75 -26.80
C GLN A 57 -5.89 -22.59 -25.33
N PRO A 58 -6.26 -21.43 -24.78
CA PRO A 58 -6.01 -21.26 -23.38
C PRO A 58 -7.13 -21.78 -22.50
N VAL A 59 -6.77 -21.90 -21.25
CA VAL A 59 -7.69 -22.23 -20.21
C VAL A 59 -8.13 -20.85 -19.74
N ILE A 60 -9.44 -20.67 -19.66
CA ILE A 60 -10.05 -19.41 -19.25
C ILE A 60 -10.47 -19.44 -17.82
N TYR A 61 -10.06 -18.39 -17.11
CA TYR A 61 -10.43 -18.24 -15.72
C TYR A 61 -11.11 -16.92 -15.49
N ALA A 62 -12.39 -17.02 -15.17
CA ALA A 62 -13.25 -15.88 -14.80
C ALA A 62 -14.26 -16.45 -13.80
N ASP A 63 -14.39 -15.85 -12.63
CA ASP A 63 -15.21 -16.41 -11.50
C ASP A 63 -15.63 -15.38 -10.58
N ASN A 64 -16.15 -15.89 -9.48
CA ASN A 64 -16.60 -15.00 -8.41
C ASN A 64 -15.37 -14.59 -7.61
N ASP A 65 -14.39 -15.52 -7.69
CA ASP A 65 -13.17 -15.41 -6.92
C ASP A 65 -12.10 -14.63 -7.63
N LEU A 66 -12.46 -14.15 -8.80
CA LEU A 66 -11.56 -13.28 -9.61
C LEU A 66 -12.24 -11.94 -9.86
N GLN A 67 -13.35 -11.77 -9.15
CA GLN A 67 -14.19 -10.61 -9.36
C GLN A 67 -14.48 -10.51 -10.85
N ASP A 68 -14.16 -9.37 -11.45
CA ASP A 68 -14.41 -9.14 -12.89
C ASP A 68 -13.18 -9.23 -13.77
N CYS A 69 -12.16 -9.88 -13.23
CA CYS A 69 -10.92 -10.11 -13.98
C CYS A 69 -11.03 -11.34 -14.83
N ILE A 70 -10.14 -11.41 -15.82
CA ILE A 70 -10.02 -12.56 -16.68
C ILE A 70 -8.59 -13.00 -16.67
N VAL A 71 -8.37 -14.30 -16.59
CA VAL A 71 -7.02 -14.81 -16.71
C VAL A 71 -7.00 -16.00 -17.65
N LEU A 72 -6.11 -15.85 -18.62
CA LEU A 72 -5.88 -16.84 -19.64
C LEU A 72 -4.56 -17.57 -19.40
N VAL A 73 -4.59 -18.89 -19.53
CA VAL A 73 -3.37 -19.69 -19.34
C VAL A 73 -3.12 -20.55 -20.54
N PHE A 74 -2.07 -20.19 -21.23
CA PHE A 74 -1.63 -20.92 -22.40
C PHE A 74 -0.56 -21.90 -21.94
N GLY A 75 -0.77 -23.15 -22.31
CA GLY A 75 0.15 -24.24 -21.99
C GLY A 75 0.69 -24.26 -20.58
N ASN A 76 2.01 -24.23 -20.56
CA ASN A 76 2.78 -24.24 -19.32
C ASN A 76 3.58 -22.92 -19.15
N PRO A 77 2.96 -21.92 -18.54
CA PRO A 77 3.47 -20.55 -18.45
C PRO A 77 4.65 -20.29 -17.55
N ARG A 78 5.44 -19.34 -18.01
CA ARG A 78 6.63 -18.88 -17.30
C ARG A 78 6.50 -17.41 -16.99
N THR A 79 5.72 -16.73 -17.82
CA THR A 79 5.54 -15.32 -17.73
C THR A 79 4.09 -14.93 -17.82
N ALA A 80 3.77 -13.87 -17.09
CA ALA A 80 2.40 -13.30 -17.05
C ALA A 80 2.35 -11.84 -17.54
N VAL A 81 1.45 -11.58 -18.49
CA VAL A 81 1.20 -10.23 -19.00
C VAL A 81 -0.10 -9.71 -18.44
N PHE A 82 -0.03 -8.47 -17.96
CA PHE A 82 -1.16 -7.79 -17.35
C PHE A 82 -1.55 -6.56 -18.13
N ALA A 83 -2.83 -6.52 -18.45
CA ALA A 83 -3.43 -5.41 -19.17
C ALA A 83 -4.69 -5.02 -18.41
N HIS A 84 -4.86 -3.71 -18.20
CA HIS A 84 -5.99 -3.20 -17.46
C HIS A 84 -7.14 -2.83 -18.37
N ASP A 86 -9.93 -1.32 -17.07
CA ASP A 86 -10.56 -0.11 -16.56
C ASP A 86 -10.01 1.09 -17.25
N SER A 87 -10.87 2.08 -17.32
CA SER A 87 -10.48 3.36 -17.85
C SER A 87 -10.76 4.44 -16.85
N ILE A 88 -10.09 5.54 -17.09
CA ILE A 88 -10.34 6.73 -16.32
C ILE A 88 -11.69 7.22 -16.75
N GLY A 89 -12.14 8.17 -15.96
CA GLY A 89 -13.43 8.80 -16.15
C GLY A 89 -13.85 9.62 -14.96
N PHE A 90 -15.16 9.72 -14.81
CA PHE A 90 -15.71 10.51 -13.75
C PHE A 90 -16.94 9.89 -13.15
N THR A 91 -17.06 10.08 -11.86
CA THR A 91 -18.20 9.64 -11.09
C THR A 91 -19.04 10.83 -10.76
N VAL A 92 -20.31 10.73 -11.13
CA VAL A 92 -21.28 11.77 -10.85
C VAL A 92 -21.66 11.64 -9.39
N SER A 93 -21.65 12.77 -8.71
CA SER A 93 -22.00 12.81 -7.30
C SER A 93 -23.36 13.44 -7.10
N TYR A 94 -23.33 14.59 -6.44
CA TYR A 94 -24.55 15.34 -6.14
C TYR A 94 -24.78 16.48 -7.12
N ASN A 95 -26.03 16.68 -7.49
CA ASN A 95 -26.39 17.78 -8.39
C ASN A 95 -25.47 17.82 -9.60
N ASN A 96 -25.23 16.63 -10.12
CA ASN A 96 -24.48 16.50 -11.36
C ASN A 96 -23.04 16.92 -11.29
N HIS A 97 -22.61 17.16 -10.07
CA HIS A 97 -21.18 17.42 -9.82
C HIS A 97 -20.38 16.15 -10.10
N LEU A 98 -19.06 16.28 -10.04
CA LEU A 98 -18.22 15.15 -10.41
C LEU A 98 -16.97 15.00 -9.61
N HIS A 99 -16.55 13.75 -9.58
CA HIS A 99 -15.28 13.36 -9.00
C HIS A 99 -14.51 12.53 -10.02
N PRO A 100 -13.18 12.59 -9.96
CA PRO A 100 -12.46 11.82 -10.95
C PRO A 100 -12.31 10.35 -10.62
N ILE A 101 -12.34 9.56 -11.68
CA ILE A 101 -12.01 8.13 -11.62
C ILE A 101 -10.67 8.12 -12.31
N GLY A 102 -9.65 7.87 -11.51
CA GLY A 102 -8.27 7.94 -11.97
C GLY A 102 -7.90 9.40 -12.01
N SER A 103 -6.95 9.70 -12.89
CA SER A 103 -6.47 11.06 -13.07
C SER A 103 -6.77 11.52 -14.48
N PRO A 104 -8.03 11.74 -14.78
CA PRO A 104 -8.23 12.20 -16.13
C PRO A 104 -8.01 13.66 -16.27
N SER A 105 -7.79 14.04 -17.52
CA SER A 105 -7.66 15.44 -17.90
C SER A 105 -9.03 16.10 -17.77
N ALA A 106 -9.00 17.34 -17.31
CA ALA A 106 -10.21 18.11 -17.08
C ALA A 106 -10.17 19.40 -17.85
N LYS A 107 -10.95 19.43 -18.91
CA LYS A 107 -11.09 20.60 -19.77
C LYS A 107 -12.54 20.82 -20.09
N GLU A 108 -12.99 22.06 -19.99
CA GLU A 108 -14.36 22.37 -20.36
C GLU A 108 -14.64 21.94 -21.76
N GLY A 109 -15.83 21.41 -21.95
CA GLY A 109 -16.26 20.98 -23.26
C GLY A 109 -16.11 19.49 -23.42
N TYR A 110 -15.19 18.89 -22.69
CA TYR A 110 -15.01 17.44 -22.84
C TYR A 110 -16.35 16.70 -22.85
N ARG A 111 -16.48 15.90 -23.88
CA ARG A 111 -17.69 15.06 -24.11
C ARG A 111 -17.67 13.79 -23.28
N LEU A 112 -18.72 13.66 -22.49
CA LEU A 112 -18.91 12.55 -21.57
C LEU A 112 -20.17 11.78 -21.84
N VAL A 113 -20.06 10.47 -21.63
CA VAL A 113 -21.19 9.55 -21.81
C VAL A 113 -21.37 8.61 -20.62
N GLY A 114 -22.62 8.15 -20.53
CA GLY A 114 -23.02 7.17 -19.48
C GLY A 114 -24.42 6.63 -19.62
N LYS A 115 -24.88 6.03 -18.54
CA LYS A 115 -26.25 5.51 -18.47
C LYS A 115 -26.71 5.32 -17.03
N ASP A 116 -27.84 5.92 -16.70
CA ASP A 116 -28.42 5.67 -15.39
C ASP A 116 -29.81 5.10 -15.56
N SER A 117 -30.56 5.12 -14.47
CA SER A 117 -31.89 4.49 -14.44
C SER A 117 -32.85 5.16 -15.39
N ASN A 118 -32.43 6.30 -15.92
CA ASN A 118 -33.28 7.09 -16.79
C ASN A 118 -32.77 7.12 -18.21
N GLY A 119 -31.98 6.10 -18.49
CA GLY A 119 -31.46 5.91 -19.83
C GLY A 119 -30.06 6.41 -20.06
N ASP A 120 -29.79 6.70 -21.32
CA ASP A 120 -28.47 7.18 -21.73
C ASP A 120 -28.18 8.59 -21.27
N ILE A 121 -26.90 8.85 -21.24
CA ILE A 121 -26.40 10.14 -20.83
C ILE A 121 -25.33 10.63 -21.77
N GLU A 122 -25.49 11.88 -22.12
CA GLU A 122 -24.54 12.54 -22.96
C GLU A 122 -24.39 13.93 -22.44
N GLY A 123 -23.16 14.31 -22.18
CA GLY A 123 -22.92 15.63 -21.63
C GLY A 123 -21.52 16.11 -21.78
N VAL A 124 -21.37 17.31 -21.29
CA VAL A 124 -20.11 18.01 -21.36
C VAL A 124 -19.62 18.40 -19.99
N LEU A 125 -18.33 18.62 -19.91
CA LEU A 125 -17.68 18.96 -18.65
C LEU A 125 -17.70 20.47 -18.50
N LYS A 126 -18.26 20.95 -17.39
CA LYS A 126 -18.33 22.42 -17.08
C LYS A 126 -17.62 22.71 -15.75
N ILE A 127 -16.84 23.79 -15.76
CA ILE A 127 -15.95 24.21 -14.65
C ILE A 127 -16.57 25.21 -13.69
N VAL A 128 -17.89 25.35 -13.78
CA VAL A 128 -18.68 26.22 -12.88
C VAL A 128 -18.06 26.32 -11.47
N ASP A 129 -18.04 27.55 -10.94
CA ASP A 129 -17.52 27.89 -9.58
C ASP A 129 -16.25 27.14 -9.08
N GLU A 130 -15.16 27.30 -9.84
CA GLU A 130 -13.87 26.68 -9.52
C GLU A 130 -14.07 25.18 -9.35
N GLU A 131 -15.33 24.79 -9.45
CA GLU A 131 -15.74 23.36 -9.25
C GLU A 131 -16.23 22.61 -10.50
N TRP A 132 -15.87 21.34 -10.59
CA TRP A 132 -16.23 20.48 -11.74
C TRP A 132 -17.60 19.82 -11.73
N LEU A 134 -20.99 18.13 -14.61
CA LEU A 134 -21.54 17.63 -15.85
C LEU A 134 -22.79 18.39 -16.23
N GLU A 135 -22.73 19.01 -17.42
CA GLU A 135 -23.89 19.72 -17.98
C GLU A 135 -24.59 18.70 -18.86
N THR A 136 -25.80 18.34 -18.48
CA THR A 136 -26.59 17.39 -19.26
C THR A 136 -28.11 17.63 -19.21
N ASP A 137 -28.92 16.66 -19.58
CA ASP A 137 -30.38 16.92 -19.78
C ASP A 137 -31.06 17.15 -18.47
N ARG A 138 -30.76 16.19 -17.63
CA ARG A 138 -31.40 16.00 -16.35
C ARG A 138 -30.45 15.73 -15.21
N LEU A 139 -31.05 15.60 -14.05
CA LEU A 139 -30.29 15.26 -12.85
C LEU A 139 -29.88 13.82 -13.03
N ILE A 140 -28.60 13.57 -12.89
CA ILE A 140 -28.10 12.20 -13.04
C ILE A 140 -28.10 11.48 -11.70
N ASP A 141 -28.48 10.21 -11.77
CA ASP A 141 -28.49 9.35 -10.59
C ASP A 141 -27.11 9.41 -9.98
N ARG A 142 -27.09 9.44 -8.66
CA ARG A 142 -25.83 9.43 -7.93
C ARG A 142 -24.98 8.19 -8.17
N GLY A 143 -23.70 8.45 -8.35
CA GLY A 143 -22.70 7.41 -8.47
C GLY A 143 -22.58 6.89 -9.87
N THR A 144 -23.29 7.55 -10.76
CA THR A 144 -23.24 7.16 -12.17
C THR A 144 -21.89 7.54 -12.71
N GLU A 145 -21.25 6.58 -13.35
CA GLU A 145 -19.96 6.81 -13.97
C GLU A 145 -20.14 7.40 -15.36
N VAL A 146 -19.22 8.27 -15.71
CA VAL A 146 -19.18 8.80 -17.06
C VAL A 146 -17.80 8.69 -17.66
N THR A 147 -17.86 8.64 -18.95
CA THR A 147 -16.74 8.32 -19.77
C THR A 147 -16.58 9.23 -20.93
N PHE A 148 -15.34 9.31 -21.41
CA PHE A 148 -15.06 10.06 -22.62
C PHE A 148 -15.85 9.45 -23.75
N LYS A 149 -16.48 10.34 -24.51
CA LYS A 149 -17.27 9.93 -25.64
C LYS A 149 -16.37 9.30 -26.68
N PRO A 150 -16.68 8.06 -27.07
CA PRO A 150 -15.90 7.40 -28.09
C PRO A 150 -15.74 8.28 -29.28
N ASP A 151 -14.51 8.29 -29.78
CA ASP A 151 -14.18 9.10 -30.94
C ASP A 151 -12.89 8.58 -31.53
N PHE A 152 -13.06 7.49 -32.26
CA PHE A 152 -11.96 6.75 -32.84
C PHE A 152 -11.58 7.34 -34.15
N ARG A 153 -10.31 7.64 -34.28
CA ARG A 153 -9.79 8.28 -35.49
C ARG A 153 -8.52 7.66 -35.98
N GLU A 154 -8.41 7.63 -37.27
CA GLU A 154 -7.25 7.11 -37.93
C GLU A 154 -6.78 8.29 -38.76
N GLU A 155 -5.54 8.72 -38.52
CA GLU A 155 -4.98 9.93 -39.09
C GLU A 155 -3.49 9.89 -39.35
N GLY A 156 -3.10 9.54 -40.56
CA GLY A 156 -1.72 9.32 -40.97
C GLY A 156 -1.25 8.01 -40.42
N ASP A 157 -0.16 8.08 -39.68
CA ASP A 157 0.42 6.90 -39.07
C ASP A 157 -0.17 6.75 -37.69
N PHE A 158 -1.08 7.65 -37.36
CA PHE A 158 -1.66 7.69 -36.00
C PHE A 158 -3.10 7.29 -35.80
N ILE A 159 -3.29 6.92 -34.55
CA ILE A 159 -4.58 6.57 -34.02
C ILE A 159 -4.86 7.48 -32.86
N LEU A 160 -5.99 8.18 -32.94
CA LEU A 160 -6.42 9.07 -31.88
C LEU A 160 -7.76 8.64 -31.34
N THR A 161 -7.75 8.32 -30.08
CA THR A 161 -8.96 7.92 -29.42
C THR A 161 -8.87 7.96 -27.92
N PRO A 162 -10.00 8.16 -27.29
CA PRO A 162 -9.87 8.01 -25.87
C PRO A 162 -9.56 6.56 -25.52
N TYR A 163 -8.92 6.41 -24.38
CA TYR A 163 -8.68 5.13 -23.78
C TYR A 163 -7.81 4.16 -24.56
N LEU A 164 -6.86 4.70 -25.30
CA LEU A 164 -5.85 3.83 -25.88
C LEU A 164 -5.26 3.16 -24.63
N ASP A 165 -5.24 3.96 -23.58
CA ASP A 165 -4.81 3.55 -22.26
C ASP A 165 -6.05 3.05 -21.54
N ASP A 166 -6.22 1.74 -21.39
CA ASP A 166 -5.27 0.74 -21.83
C ASP A 166 -5.93 -0.24 -22.76
N ARG A 167 -6.86 0.25 -23.54
CA ARG A 167 -7.57 -0.61 -24.49
C ARG A 167 -6.60 -1.13 -25.55
N LEU A 168 -5.49 -0.43 -25.72
CA LEU A 168 -4.49 -0.80 -26.71
C LEU A 168 -3.71 -1.96 -26.13
N GLY A 169 -3.65 -1.97 -24.81
CA GLY A 169 -2.96 -3.02 -24.09
C GLY A 169 -3.81 -4.28 -24.15
N VAL A 170 -5.10 -4.05 -24.01
CA VAL A 170 -6.05 -5.14 -24.02
C VAL A 170 -5.98 -5.74 -25.41
N TRP A 171 -5.86 -4.84 -26.36
CA TRP A 171 -5.84 -5.21 -27.76
C TRP A 171 -4.60 -6.00 -28.05
N THR A 172 -3.50 -5.51 -27.53
CA THR A 172 -2.19 -6.13 -27.74
C THR A 172 -2.24 -7.54 -27.17
N ALA A 173 -2.85 -7.61 -25.99
CA ALA A 173 -2.97 -8.89 -25.28
C ALA A 173 -3.74 -9.90 -26.14
N LEU A 174 -4.79 -9.41 -26.78
CA LEU A 174 -5.65 -10.28 -27.63
C LEU A 174 -4.92 -10.74 -28.88
N GLU A 175 -4.01 -9.89 -29.33
CA GLU A 175 -3.19 -10.22 -30.50
C GLU A 175 -2.25 -11.32 -30.14
N LEU A 176 -1.58 -11.08 -29.03
CA LEU A 176 -0.58 -11.99 -28.48
C LEU A 176 -1.17 -13.39 -28.38
N ALA A 177 -2.44 -13.41 -28.03
CA ALA A 177 -3.14 -14.68 -27.77
C ALA A 177 -3.30 -15.47 -29.04
N LYS A 178 -3.20 -14.77 -30.15
CA LYS A 178 -3.38 -15.42 -31.46
C LYS A 178 -2.29 -16.45 -31.69
N THR A 179 -1.14 -16.19 -31.07
CA THR A 179 0.01 -17.06 -31.27
C THR A 179 0.64 -17.63 -30.02
N LEU A 180 0.39 -17.00 -28.88
CA LEU A 180 1.03 -17.43 -27.62
C LEU A 180 0.90 -18.93 -27.33
N GLU A 181 2.01 -19.55 -26.97
CA GLU A 181 1.98 -20.98 -26.62
C GLU A 181 2.02 -21.19 -25.11
N HIS A 182 3.01 -20.60 -24.49
CA HIS A 182 3.16 -20.70 -23.05
C HIS A 182 3.16 -19.33 -22.43
N GLY A 183 2.23 -19.13 -21.53
CA GLY A 183 2.13 -17.85 -20.85
C GLY A 183 0.77 -17.56 -20.30
N ILE A 184 0.72 -16.52 -19.52
CA ILE A 184 -0.49 -16.05 -18.91
C ILE A 184 -0.80 -14.65 -19.33
N ILE A 185 -2.06 -14.44 -19.63
CA ILE A 185 -2.58 -13.12 -19.98
C ILE A 185 -3.70 -12.83 -19.03
N ALA A 186 -3.56 -11.73 -18.32
CA ALA A 186 -4.52 -11.34 -17.33
C ALA A 186 -5.02 -9.95 -17.59
N PHE A 187 -6.34 -9.82 -17.55
CA PHE A 187 -7.03 -8.56 -17.74
C PHE A 187 -7.47 -8.05 -16.37
N THR A 188 -6.97 -6.86 -16.06
CA THR A 188 -7.15 -6.30 -14.74
C THR A 188 -8.15 -5.17 -14.61
N CYS A 189 -8.40 -4.87 -13.35
CA CYS A 189 -9.35 -3.89 -12.90
C CYS A 189 -8.78 -2.91 -11.88
N TRP A 190 -9.35 -1.71 -11.95
CA TRP A 190 -9.03 -0.61 -11.08
C TRP A 190 -7.62 -0.10 -11.22
N GLU A 191 -6.94 -0.46 -12.30
CA GLU A 191 -5.57 -0.02 -12.42
C GLU A 191 -5.45 1.50 -12.38
N GLU A 192 -6.47 2.17 -12.91
CA GLU A 192 -6.43 3.64 -13.03
C GLU A 192 -6.78 4.26 -11.72
N HIS A 193 -7.29 3.44 -10.81
CA HIS A 193 -7.77 3.99 -9.54
C HIS A 193 -7.45 3.17 -8.29
N GLY A 194 -6.16 3.10 -7.98
CA GLY A 194 -5.69 2.46 -6.75
C GLY A 194 -5.54 0.96 -6.83
N GLY A 195 -6.00 0.39 -7.92
CA GLY A 195 -5.93 -1.05 -8.11
C GLY A 195 -6.72 -1.84 -7.09
N GLY A 196 -6.24 -3.03 -6.81
CA GLY A 196 -6.90 -3.92 -5.89
C GLY A 196 -7.42 -5.20 -6.53
N SER A 197 -7.05 -5.44 -7.77
CA SER A 197 -7.38 -6.72 -8.40
C SER A 197 -6.07 -7.52 -8.61
N VAL A 198 -5.04 -6.82 -9.04
CA VAL A 198 -3.78 -7.48 -9.31
C VAL A 198 -3.28 -8.16 -8.07
N ALA A 199 -3.62 -7.60 -6.91
CA ALA A 199 -3.13 -8.18 -5.66
C ALA A 199 -3.47 -9.65 -5.56
N TYR A 200 -4.69 -9.99 -5.96
CA TYR A 200 -5.16 -11.40 -5.85
C TYR A 200 -4.73 -12.19 -7.06
N LEU A 201 -4.52 -11.50 -8.17
CA LEU A 201 -4.00 -12.19 -9.33
C LEU A 201 -2.56 -12.59 -9.01
N ALA A 202 -1.85 -11.74 -8.29
CA ALA A 202 -0.44 -11.99 -8.00
C ALA A 202 -0.34 -13.20 -7.14
N ARG A 203 -1.26 -13.32 -6.22
CA ARG A 203 -1.19 -14.44 -5.32
C ARG A 203 -1.50 -15.73 -6.08
N TRP A 204 -2.61 -15.66 -6.79
CA TRP A 204 -3.16 -16.82 -7.43
C TRP A 204 -2.30 -17.38 -8.56
N ILE A 205 -1.79 -16.50 -9.36
CA ILE A 205 -0.95 -16.89 -10.45
C ILE A 205 0.33 -17.54 -9.93
N TYR A 206 0.91 -16.92 -8.90
CA TYR A 206 2.18 -17.40 -8.37
C TYR A 206 2.07 -18.75 -7.67
N GLU A 207 0.95 -18.91 -6.98
CA GLU A 207 0.76 -20.09 -6.18
C GLU A 207 0.30 -21.24 -7.02
N THR A 208 -0.37 -20.93 -8.11
CA THR A 208 -1.03 -21.98 -8.87
C THR A 208 -0.16 -22.45 -10.01
N PHE A 209 0.57 -21.51 -10.58
CA PHE A 209 1.41 -21.77 -11.77
C PHE A 209 2.88 -21.52 -11.56
N HIS A 210 3.21 -21.01 -10.39
CA HIS A 210 4.60 -20.77 -10.03
C HIS A 210 5.23 -19.80 -11.02
N VAL A 211 4.42 -18.90 -11.51
CA VAL A 211 4.91 -17.84 -12.40
C VAL A 211 5.23 -16.60 -11.57
N LYS A 212 6.39 -16.02 -11.81
CA LYS A 212 6.81 -14.86 -11.04
C LYS A 212 7.48 -13.77 -11.87
N GLN A 213 7.28 -13.88 -13.17
CA GLN A 213 7.75 -12.91 -14.15
C GLN A 213 6.55 -12.29 -14.80
N SER A 214 6.63 -11.00 -14.99
CA SER A 214 5.54 -10.29 -15.62
C SER A 214 6.01 -9.22 -16.54
N LEU A 215 5.07 -8.90 -17.39
CA LEU A 215 5.20 -7.79 -18.30
C LEU A 215 3.91 -7.03 -18.12
N ILE A 216 4.03 -5.73 -17.96
CA ILE A 216 2.86 -4.89 -17.80
C ILE A 216 2.58 -4.27 -19.16
N CYS A 217 1.45 -4.67 -19.70
CA CYS A 217 1.03 -4.27 -21.05
C CYS A 217 0.08 -3.11 -20.94
N ASP A 218 0.69 -1.94 -20.90
CA ASP A 218 -0.01 -0.68 -20.69
C ASP A 218 0.70 0.33 -21.55
N ILE A 219 0.15 1.52 -21.60
CA ILE A 219 0.66 2.57 -22.47
C ILE A 219 1.35 3.64 -21.67
N THR A 220 2.46 4.12 -22.18
CA THR A 220 3.25 5.15 -21.50
C THR A 220 3.16 6.48 -22.24
N TRP A 221 3.97 7.45 -21.83
CA TRP A 221 3.94 8.77 -22.47
C TRP A 221 5.00 8.95 -23.51
N VAL A 222 4.61 9.73 -24.53
CA VAL A 222 5.54 10.22 -25.52
C VAL A 222 6.24 11.37 -24.80
N THR A 223 7.55 11.37 -24.96
CA THR A 223 8.47 12.20 -24.21
C THR A 223 9.66 12.60 -25.02
N GLU A 224 10.38 13.58 -24.54
CA GLU A 224 11.56 14.06 -25.27
C GLU A 224 12.50 12.86 -25.40
N GLY A 225 12.34 11.91 -24.50
CA GLY A 225 13.23 10.74 -24.45
C GLY A 225 12.65 9.52 -25.11
N VAL A 226 11.33 9.51 -25.19
CA VAL A 226 10.59 8.41 -25.80
C VAL A 226 9.70 9.00 -26.89
N GLU A 227 10.10 8.81 -28.14
CA GLU A 227 9.39 9.45 -29.26
C GLU A 227 8.40 8.58 -30.00
N ALA A 228 7.35 9.24 -30.47
CA ALA A 228 6.32 8.60 -31.29
C ALA A 228 6.97 8.06 -32.56
N GLY A 229 6.63 6.82 -32.86
CA GLY A 229 7.06 6.09 -34.06
C GLY A 229 8.48 5.54 -33.97
N LYS A 230 9.15 5.84 -32.86
CA LYS A 230 10.56 5.40 -32.74
C LYS A 230 10.62 4.11 -31.96
N GLY A 231 9.45 3.49 -31.82
CA GLY A 231 9.35 2.19 -31.18
C GLY A 231 8.69 2.04 -29.82
N VAL A 232 8.34 0.81 -29.53
CA VAL A 232 7.73 0.45 -28.26
C VAL A 232 8.71 0.76 -27.17
N ALA A 233 8.17 1.07 -26.00
CA ALA A 233 8.97 1.48 -24.84
C ALA A 233 9.07 0.42 -23.79
N ILE A 234 10.31 0.19 -23.38
CA ILE A 234 10.65 -0.71 -22.28
C ILE A 234 10.98 0.20 -21.14
N SER A 235 10.17 0.18 -20.12
CA SER A 235 10.36 1.07 -18.98
C SER A 235 11.38 0.52 -18.02
N ARG A 237 12.18 2.04 -15.43
CA ARG A 237 11.57 2.51 -14.21
C ARG A 237 10.64 3.70 -14.41
N ASP A 238 9.86 3.88 -13.36
CA ASP A 238 8.90 4.97 -13.28
C ASP A 238 8.88 5.45 -11.85
N ARG A 239 7.72 5.45 -11.24
CA ARG A 239 7.65 5.83 -9.85
C ARG A 239 8.37 4.74 -9.06
N ILE A 241 10.65 1.02 -9.19
CA ILE A 241 11.88 0.51 -9.72
C ILE A 241 11.87 -1.01 -9.77
N PRO A 242 11.86 -1.58 -10.97
CA PRO A 242 11.92 -3.01 -10.92
C PRO A 242 13.34 -3.50 -10.77
N ARG A 243 13.50 -4.80 -10.66
CA ARG A 243 14.84 -5.37 -10.56
C ARG A 243 15.64 -5.15 -11.81
N LYS A 244 16.78 -4.55 -11.63
CA LYS A 244 17.64 -4.18 -12.73
C LYS A 244 17.97 -5.41 -13.56
N LYS A 245 18.22 -6.53 -12.91
CA LYS A 245 18.72 -7.69 -13.67
C LYS A 245 17.63 -8.23 -14.55
N TYR A 246 16.40 -7.94 -14.17
CA TYR A 246 15.24 -8.43 -14.93
C TYR A 246 15.03 -7.57 -16.12
N VAL A 247 15.10 -6.30 -15.87
CA VAL A 247 14.95 -5.35 -16.94
C VAL A 247 16.08 -5.53 -17.92
N ASN A 248 17.26 -5.88 -17.43
CA ASN A 248 18.42 -6.01 -18.33
C ASN A 248 18.20 -7.21 -19.23
N ARG A 249 17.55 -8.20 -18.66
CA ARG A 249 17.35 -9.44 -19.35
C ARG A 249 16.38 -9.24 -20.49
N ILE A 250 15.43 -8.37 -20.22
CA ILE A 250 14.41 -8.02 -21.18
C ILE A 250 15.04 -7.26 -22.31
N ILE A 251 15.93 -6.35 -21.96
CA ILE A 251 16.57 -5.48 -22.99
C ILE A 251 17.49 -6.30 -23.85
N GLU A 252 18.11 -7.27 -23.21
CA GLU A 252 19.09 -8.12 -23.88
C GLU A 252 18.34 -8.87 -24.98
N LEU A 253 17.20 -9.41 -24.58
CA LEU A 253 16.35 -10.19 -25.47
C LEU A 253 15.85 -9.34 -26.61
N ALA A 254 15.46 -8.11 -26.27
CA ALA A 254 14.87 -7.21 -27.28
C ALA A 254 15.91 -6.91 -28.34
N ARG A 255 17.15 -6.95 -27.91
CA ARG A 255 18.27 -6.62 -28.78
C ARG A 255 18.64 -7.75 -29.68
N GLN A 256 18.01 -8.89 -29.49
CA GLN A 256 18.29 -10.07 -30.34
C GLN A 256 17.39 -9.97 -31.54
N THR A 257 16.62 -8.89 -31.44
CA THR A 257 15.54 -8.53 -32.35
C THR A 257 15.86 -7.35 -33.21
N ASP A 258 15.10 -7.22 -34.27
CA ASP A 258 15.23 -6.11 -35.20
CA ASP A 258 15.25 -6.10 -35.18
C ASP A 258 14.07 -5.15 -34.94
N ILE A 259 13.34 -5.47 -33.90
CA ILE A 259 12.18 -4.69 -33.46
C ILE A 259 12.66 -3.42 -32.76
N PRO A 260 12.07 -2.29 -33.14
CA PRO A 260 12.53 -1.08 -32.49
C PRO A 260 11.88 -0.85 -31.16
N PHE A 261 12.71 -0.40 -30.25
CA PHE A 261 12.27 -0.06 -28.91
C PHE A 261 13.06 1.09 -28.36
N GLN A 262 12.45 1.73 -27.38
CA GLN A 262 13.09 2.84 -26.70
C GLN A 262 13.10 2.53 -25.22
N LEU A 263 14.17 2.93 -24.59
CA LEU A 263 14.38 2.73 -23.16
C LEU A 263 13.79 3.92 -22.39
N GLU A 264 12.69 3.67 -21.71
CA GLU A 264 12.04 4.69 -20.88
C GLU A 264 12.65 4.72 -19.50
N VAL A 265 12.90 5.93 -19.02
CA VAL A 265 13.32 6.16 -17.64
C VAL A 265 12.54 7.34 -17.08
N GLU A 266 11.50 7.03 -16.34
CA GLU A 266 10.67 8.02 -15.68
C GLU A 266 10.84 8.00 -14.18
N GLY A 267 10.52 9.13 -13.59
CA GLY A 267 10.62 9.34 -12.17
C GLY A 267 9.22 9.35 -11.58
N ALA A 268 8.24 9.11 -12.43
CA ALA A 268 6.86 9.05 -11.95
C ALA A 268 5.99 8.16 -12.81
N GLY A 269 4.80 7.94 -12.29
CA GLY A 269 3.83 7.08 -12.94
C GLY A 269 3.89 5.67 -12.40
N ALA A 270 2.73 5.07 -12.25
CA ALA A 270 2.63 3.71 -11.72
C ALA A 270 1.82 2.84 -12.64
N SER A 271 1.91 1.55 -12.44
CA SER A 271 1.17 0.62 -13.25
C SER A 271 0.78 -0.55 -12.42
N ASP A 272 0.26 -1.55 -13.10
CA ASP A 272 -0.10 -2.78 -12.44
C ASP A 272 1.17 -3.37 -11.87
N GLY A 273 2.28 -2.92 -12.41
CA GLY A 273 3.57 -3.43 -11.98
C GLY A 273 3.79 -3.13 -10.51
N ARG A 274 3.27 -1.99 -10.07
CA ARG A 274 3.51 -1.55 -8.68
C ARG A 274 2.84 -2.49 -7.71
N GLU A 275 1.71 -2.99 -8.14
CA GLU A 275 0.90 -3.82 -7.29
C GLU A 275 1.60 -5.17 -7.16
N LEU A 276 2.20 -5.56 -8.25
CA LEU A 276 2.93 -6.84 -8.29
C LEU A 276 4.13 -6.73 -7.34
N GLN A 277 4.82 -5.61 -7.48
CA GLN A 277 6.04 -5.33 -6.75
C GLN A 277 5.80 -5.37 -5.26
N LEU A 278 4.64 -4.89 -4.88
CA LEU A 278 4.33 -4.67 -3.47
C LEU A 278 3.55 -5.82 -2.91
N SER A 279 3.28 -6.78 -3.73
CA SER A 279 2.53 -7.97 -3.29
C SER A 279 3.38 -8.86 -2.41
N PRO A 280 2.77 -9.79 -1.70
CA PRO A 280 3.53 -10.75 -0.89
C PRO A 280 4.12 -11.87 -1.72
N TYR A 281 4.24 -11.64 -3.01
CA TYR A 281 4.81 -12.67 -3.87
C TYR A 281 5.93 -12.06 -4.71
N PRO A 282 7.03 -12.81 -4.87
CA PRO A 282 8.29 -12.40 -5.48
C PRO A 282 8.25 -12.16 -6.95
N TRP A 283 7.37 -11.25 -7.34
CA TRP A 283 7.26 -10.89 -8.74
C TRP A 283 8.30 -9.96 -9.28
N ASP A 284 8.82 -10.35 -10.42
CA ASP A 284 9.63 -9.48 -11.26
C ASP A 284 8.59 -8.87 -12.19
N TRP A 285 8.83 -7.63 -12.59
CA TRP A 285 7.93 -6.98 -13.53
C TRP A 285 8.65 -5.99 -14.37
N CYS A 286 8.01 -5.68 -15.46
CA CYS A 286 8.56 -4.71 -16.35
C CYS A 286 7.47 -4.21 -17.26
N PHE A 287 7.38 -2.90 -17.27
CA PHE A 287 6.37 -2.18 -18.02
C PHE A 287 6.84 -1.98 -19.44
N ILE A 288 6.16 -2.61 -20.37
CA ILE A 288 6.50 -2.49 -21.78
C ILE A 288 5.25 -2.15 -22.54
N GLY A 289 5.26 -1.00 -23.17
CA GLY A 289 4.13 -0.57 -23.98
C GLY A 289 4.48 0.55 -24.94
N ALA A 290 3.56 0.84 -25.83
CA ALA A 290 3.74 1.91 -26.78
C ALA A 290 3.55 3.24 -26.03
N PRO A 291 4.20 4.30 -26.51
CA PRO A 291 3.98 5.61 -25.89
C PRO A 291 2.88 6.37 -26.58
N GLU A 292 2.24 7.24 -25.82
CA GLU A 292 1.13 8.04 -26.34
C GLU A 292 1.26 9.50 -26.01
N LYS A 293 0.68 10.30 -26.89
CA LYS A 293 0.60 11.73 -26.72
C LYS A 293 -0.74 12.02 -26.09
N ASP A 294 -0.77 13.07 -25.27
CA ASP A 294 -2.01 13.52 -24.66
C ASP A 294 -2.69 12.48 -23.78
N ALA A 295 -1.88 11.74 -23.04
CA ALA A 295 -2.41 10.73 -22.12
C ALA A 295 -3.57 11.28 -21.30
N HIS A 296 -4.50 10.39 -21.00
CA HIS A 296 -5.62 10.67 -20.11
C HIS A 296 -6.48 11.82 -20.63
N THR A 297 -6.44 11.96 -21.95
CA THR A 297 -7.32 12.90 -22.64
C THR A 297 -8.13 12.10 -23.66
N PRO A 298 -9.19 12.70 -24.21
CA PRO A 298 -10.05 12.12 -25.25
C PRO A 298 -9.31 12.01 -26.56
N ASN A 299 -8.07 12.46 -26.54
CA ASN A 299 -7.25 12.49 -27.75
C ASN A 299 -5.97 11.69 -27.67
N GLU A 300 -5.99 10.67 -26.84
CA GLU A 300 -4.82 9.80 -26.75
C GLU A 300 -4.41 9.43 -28.17
N CYS A 301 -3.13 9.61 -28.44
CA CYS A 301 -2.61 9.39 -29.78
C CYS A 301 -1.35 8.56 -29.83
N VAL A 302 -1.43 7.47 -30.58
CA VAL A 302 -0.30 6.55 -30.74
C VAL A 302 0.00 6.29 -32.20
N HIS A 303 1.27 6.01 -32.45
CA HIS A 303 1.77 5.76 -33.80
C HIS A 303 1.67 4.28 -34.12
N LYS A 304 1.10 3.97 -35.29
CA LYS A 304 0.84 2.56 -35.62
C LYS A 304 2.10 1.72 -35.58
N LYS A 305 3.21 2.33 -35.94
CA LYS A 305 4.48 1.59 -36.00
C LYS A 305 4.86 1.14 -34.58
N ASP A 306 4.32 1.84 -33.59
CA ASP A 306 4.65 1.53 -32.18
C ASP A 306 3.76 0.40 -31.67
N ILE A 307 2.60 0.29 -32.30
CA ILE A 307 1.65 -0.75 -31.94
C ILE A 307 2.21 -2.05 -32.47
N GLU A 308 2.85 -1.90 -33.61
CA GLU A 308 3.38 -3.05 -34.33
C GLU A 308 4.66 -3.54 -33.66
N SER A 309 5.39 -2.61 -33.05
CA SER A 309 6.63 -2.95 -32.34
C SER A 309 6.23 -3.60 -31.04
N VAL A 311 3.39 -5.33 -30.29
CA VAL A 311 2.93 -6.69 -30.56
C VAL A 311 4.16 -7.55 -30.77
N GLY A 312 5.04 -7.06 -31.63
CA GLY A 312 6.19 -7.83 -32.01
C GLY A 312 7.04 -8.22 -30.81
N LEU A 313 7.30 -7.24 -29.96
CA LEU A 313 8.19 -7.47 -28.84
C LEU A 313 7.56 -8.38 -27.78
N TYR A 314 6.25 -8.26 -27.58
CA TYR A 314 5.55 -9.14 -26.63
C TYR A 314 5.65 -10.60 -27.12
N LYS A 315 5.35 -10.77 -28.40
CA LYS A 315 5.35 -12.11 -28.98
C LYS A 315 6.67 -12.76 -28.71
N TYR A 316 7.72 -11.98 -28.93
CA TYR A 316 9.09 -12.49 -28.81
C TYR A 316 9.45 -12.75 -27.35
N LEU A 317 9.17 -11.79 -26.50
CA LEU A 317 9.55 -11.90 -25.09
C LEU A 317 8.83 -13.07 -24.40
N GLU A 319 7.98 -15.68 -25.60
CA GLU A 319 8.50 -16.93 -26.08
C GLU A 319 9.84 -17.19 -25.45
N LYS A 320 10.59 -16.13 -25.22
CA LYS A 320 11.98 -16.23 -24.75
C LYS A 320 12.23 -16.14 -23.26
N LEU A 321 11.34 -15.46 -22.55
CA LEU A 321 11.48 -15.32 -21.09
C LEU A 321 11.20 -16.63 -20.35
N HIS B 11 43.27 -11.21 -4.80
CA HIS B 11 43.15 -11.19 -3.31
C HIS B 11 41.81 -10.57 -2.84
N HIS B 12 40.92 -11.46 -2.36
CA HIS B 12 39.54 -11.14 -1.86
C HIS B 12 39.53 -10.99 -0.34
N GLU B 13 40.39 -10.11 0.12
CA GLU B 13 40.58 -9.81 1.55
C GLU B 13 39.35 -9.26 2.27
N ASN B 14 38.45 -8.67 1.49
CA ASN B 14 37.27 -7.99 2.07
C ASN B 14 36.34 -8.98 2.75
N LEU B 15 36.43 -10.21 2.32
CA LEU B 15 35.59 -11.28 2.85
C LEU B 15 35.87 -11.56 4.30
N TYR B 16 36.89 -10.93 4.83
CA TYR B 16 37.27 -11.18 6.22
C TYR B 16 37.42 -9.94 7.03
N PHE B 17 37.03 -8.81 6.44
CA PHE B 17 37.07 -7.55 7.18
C PHE B 17 36.22 -7.63 8.41
N GLN B 18 36.52 -6.76 9.35
CA GLN B 18 35.82 -6.73 10.59
C GLN B 18 35.71 -5.30 11.01
N GLY B 19 35.03 -5.04 12.10
CA GLY B 19 34.78 -3.72 12.63
C GLY B 19 34.49 -2.71 11.57
N GLN B 21 36.29 -1.56 9.28
CA GLN B 21 36.83 -1.82 7.96
C GLN B 21 35.78 -2.55 7.14
N LEU B 22 34.98 -3.32 7.84
CA LEU B 22 33.90 -4.10 7.25
C LEU B 22 32.77 -3.14 6.90
N LEU B 23 32.52 -2.20 7.79
CA LEU B 23 31.46 -1.21 7.56
C LEU B 23 31.84 -0.38 6.34
N LYS B 24 33.13 -0.08 6.28
CA LYS B 24 33.63 0.73 5.18
C LYS B 24 33.41 0.00 3.86
N GLU B 25 33.57 -1.30 3.92
CA GLU B 25 33.42 -2.12 2.72
C GLU B 25 31.98 -2.09 2.31
N LEU B 26 31.15 -2.37 3.28
CA LEU B 26 29.71 -2.42 3.07
C LEU B 26 29.21 -1.12 2.49
N CYS B 27 29.79 0.01 2.90
CA CYS B 27 29.30 1.31 2.44
C CYS B 27 29.77 1.58 1.05
N SER B 28 30.84 0.91 0.69
CA SER B 28 31.49 1.15 -0.61
C SER B 28 30.81 0.43 -1.73
N ILE B 29 30.00 -0.56 -1.35
CA ILE B 29 29.35 -1.40 -2.36
C ILE B 29 28.08 -0.77 -2.91
N HIS B 30 28.17 -0.47 -4.21
CA HIS B 30 27.11 0.13 -5.01
C HIS B 30 25.96 -0.86 -5.12
N ALA B 31 24.91 -0.53 -4.37
CA ALA B 31 23.69 -1.32 -4.27
C ALA B 31 22.46 -0.41 -4.08
N PRO B 32 22.12 0.37 -5.09
CA PRO B 32 20.92 1.12 -4.89
C PRO B 32 19.68 0.24 -4.98
N SER B 33 18.57 0.80 -4.51
CA SER B 33 17.29 0.14 -4.59
C SER B 33 17.12 -0.41 -5.99
N GLY B 34 16.73 -1.67 -6.05
CA GLY B 34 16.44 -2.33 -7.32
C GLY B 34 17.65 -3.00 -7.91
N ASN B 35 18.77 -2.83 -7.26
CA ASN B 35 19.99 -3.43 -7.76
C ASN B 35 20.90 -3.74 -6.60
N GLU B 36 20.31 -4.40 -5.63
CA GLU B 36 21.01 -4.74 -4.41
C GLU B 36 21.93 -5.91 -4.64
N GLU B 37 21.72 -6.58 -5.77
CA GLU B 37 22.45 -7.82 -6.04
C GLU B 37 23.93 -7.85 -5.66
N PRO B 38 24.68 -6.79 -5.94
CA PRO B 38 26.09 -6.92 -5.62
C PRO B 38 26.35 -6.95 -4.14
N LEU B 39 25.44 -6.37 -3.39
CA LEU B 39 25.64 -6.34 -1.96
C LEU B 39 25.22 -7.70 -1.42
N LYS B 40 24.18 -8.23 -2.05
CA LYS B 40 23.71 -9.53 -1.66
C LYS B 40 24.82 -10.54 -1.88
N ASP B 41 25.53 -10.35 -2.98
CA ASP B 41 26.57 -11.28 -3.37
C ASP B 41 27.69 -11.26 -2.37
N PHE B 42 28.04 -10.06 -1.92
CA PHE B 42 29.09 -9.91 -0.95
C PHE B 42 28.72 -10.48 0.41
N ILE B 43 27.49 -10.19 0.83
CA ILE B 43 27.03 -10.60 2.16
C ILE B 43 26.95 -12.11 2.20
N LEU B 44 26.59 -12.63 1.07
CA LEU B 44 26.33 -14.06 0.95
C LEU B 44 27.65 -14.80 1.02
N GLU B 45 28.69 -14.27 0.38
CA GLU B 45 30.01 -14.90 0.43
C GLU B 45 30.69 -14.66 1.78
N TYR B 46 30.34 -13.53 2.36
CA TYR B 46 30.92 -13.14 3.62
C TYR B 46 30.44 -14.14 4.64
N ILE B 47 29.18 -14.49 4.50
CA ILE B 47 28.54 -15.39 5.45
C ILE B 47 29.08 -16.78 5.33
N ARG B 48 29.29 -17.19 4.10
CA ARG B 48 29.74 -18.55 3.84
C ARG B 48 31.20 -18.66 4.20
N SER B 49 31.85 -17.51 4.34
CA SER B 49 33.29 -17.47 4.62
C SER B 49 33.55 -17.34 6.09
N ASN B 50 32.56 -16.86 6.81
CA ASN B 50 32.73 -16.57 8.24
C ASN B 50 31.84 -17.33 9.22
N ALA B 51 30.73 -17.83 8.71
CA ALA B 51 29.72 -18.49 9.55
C ALA B 51 30.30 -19.54 10.45
N GLY B 52 31.40 -20.12 10.05
CA GLY B 52 31.95 -21.23 10.82
C GLY B 52 32.60 -20.75 12.10
N SER B 53 32.69 -19.43 12.20
CA SER B 53 33.35 -18.80 13.33
C SER B 53 32.30 -18.28 14.26
N TRP B 54 31.06 -18.53 13.89
CA TRP B 54 29.93 -18.07 14.70
C TRP B 54 29.52 -19.11 15.74
N SER B 55 28.91 -18.65 16.80
CA SER B 55 28.57 -19.53 17.90
C SER B 55 27.61 -20.55 17.38
N TYR B 56 26.82 -20.09 16.42
CA TYR B 56 25.73 -20.87 15.86
C TYR B 56 25.61 -20.69 14.38
N GLN B 57 25.51 -21.84 13.70
CA GLN B 57 25.42 -21.89 12.22
C GLN B 57 24.01 -21.78 11.68
N PRO B 58 23.74 -20.69 10.97
CA PRO B 58 22.40 -20.54 10.46
C PRO B 58 22.19 -21.26 9.14
N VAL B 59 20.92 -21.48 8.84
CA VAL B 59 20.51 -22.04 7.57
C VAL B 59 20.37 -20.82 6.68
N ILE B 60 20.95 -20.90 5.48
CA ILE B 60 20.95 -19.76 4.58
C ILE B 60 19.96 -19.91 3.44
N TYR B 61 19.08 -18.93 3.37
CA TYR B 61 18.09 -18.87 2.31
C TYR B 61 18.38 -17.69 1.43
N ALA B 62 18.64 -18.00 0.18
CA ALA B 62 18.84 -17.04 -0.89
C ALA B 62 18.47 -17.86 -2.14
N ASP B 63 17.73 -17.32 -3.08
CA ASP B 63 17.05 -18.19 -4.04
C ASP B 63 16.15 -17.28 -4.87
N ASN B 64 15.52 -17.84 -5.90
CA ASN B 64 14.73 -16.98 -6.78
C ASN B 64 13.42 -16.38 -6.21
N ASP B 65 12.88 -17.21 -5.26
CA ASP B 65 11.58 -16.95 -4.65
C ASP B 65 11.79 -15.96 -3.58
N LEU B 66 13.02 -15.49 -3.50
CA LEU B 66 13.42 -14.44 -2.58
C LEU B 66 14.10 -13.29 -3.31
N GLN B 67 14.02 -13.31 -4.62
CA GLN B 67 14.71 -12.34 -5.44
C GLN B 67 16.14 -12.24 -4.94
N ASP B 68 16.53 -11.05 -4.53
CA ASP B 68 17.91 -10.85 -4.09
C ASP B 68 18.07 -10.67 -2.61
N CYS B 69 17.02 -11.05 -1.92
CA CYS B 69 17.03 -11.06 -0.46
C CYS B 69 17.79 -12.23 0.15
N ILE B 70 18.21 -12.05 1.39
CA ILE B 70 18.89 -13.12 2.10
C ILE B 70 18.20 -13.31 3.41
N VAL B 71 17.96 -14.55 3.75
CA VAL B 71 17.37 -14.85 5.04
C VAL B 71 18.18 -15.90 5.77
N LEU B 72 18.58 -15.54 6.98
CA LEU B 72 19.33 -16.42 7.86
C LEU B 72 18.41 -16.90 8.96
N VAL B 73 18.42 -18.21 9.19
CA VAL B 73 17.64 -18.76 10.28
C VAL B 73 18.54 -19.51 11.24
N PHE B 74 18.62 -18.94 12.42
CA PHE B 74 19.40 -19.45 13.50
C PHE B 74 18.48 -20.18 14.44
N GLY B 75 18.77 -21.47 14.56
CA GLY B 75 18.04 -22.38 15.40
C GLY B 75 16.55 -22.31 15.23
N ASN B 76 15.93 -22.29 16.38
CA ASN B 76 14.47 -22.22 16.49
C ASN B 76 14.04 -20.76 16.77
N PRO B 77 13.71 -20.00 15.71
CA PRO B 77 13.49 -18.58 15.88
C PRO B 77 12.14 -18.15 16.38
N ARG B 78 12.19 -17.04 17.09
CA ARG B 78 11.02 -16.38 17.68
C ARG B 78 10.88 -14.94 17.21
N THR B 79 12.00 -14.40 16.77
CA THR B 79 12.07 -13.03 16.32
C THR B 79 12.90 -12.91 15.06
N ALA B 80 12.49 -11.96 14.23
CA ALA B 80 13.18 -11.70 12.97
C ALA B 80 13.64 -10.26 12.91
N VAL B 81 14.89 -10.09 12.49
CA VAL B 81 15.45 -8.77 12.28
C VAL B 81 15.63 -8.50 10.82
N PHE B 82 15.29 -7.28 10.45
CA PHE B 82 15.36 -6.82 9.07
C PHE B 82 16.21 -5.59 8.86
N ALA B 83 17.20 -5.73 7.98
CA ALA B 83 18.12 -4.64 7.62
C ALA B 83 18.13 -4.59 6.11
N HIS B 84 18.05 -3.39 5.56
CA HIS B 84 18.00 -3.21 4.12
C HIS B 84 19.36 -2.94 3.49
N ASP B 86 19.71 -2.03 0.25
CA ASP B 86 19.62 -0.96 -0.75
C ASP B 86 19.94 0.37 -0.14
N SER B 87 20.59 1.17 -0.96
CA SER B 87 20.86 2.55 -0.58
C SER B 87 20.05 3.47 -1.46
N ILE B 88 19.97 4.70 -1.02
CA ILE B 88 19.46 5.76 -1.85
C ILE B 88 20.50 6.02 -2.92
N GLY B 89 20.05 6.80 -3.88
CA GLY B 89 20.88 7.14 -5.04
C GLY B 89 20.11 7.86 -6.11
N PHE B 90 20.52 7.65 -7.35
CA PHE B 90 19.82 8.27 -8.47
C PHE B 90 19.91 7.41 -9.71
N THR B 91 18.89 7.53 -10.51
CA THR B 91 18.83 6.85 -11.79
C THR B 91 19.03 7.85 -12.90
N VAL B 92 19.99 7.51 -13.75
CA VAL B 92 20.29 8.29 -14.91
C VAL B 92 19.18 8.00 -15.90
N SER B 93 18.62 9.07 -16.45
CA SER B 93 17.58 8.98 -17.45
C SER B 93 18.15 9.33 -18.81
N TYR B 94 17.64 10.42 -19.36
CA TYR B 94 18.09 10.88 -20.67
C TYR B 94 19.07 12.02 -20.57
N ASN B 95 20.03 12.00 -21.48
CA ASN B 95 21.01 13.08 -21.53
C ASN B 95 21.62 13.34 -20.16
N ASN B 96 21.88 12.25 -19.46
CA ASN B 96 22.58 12.32 -18.18
C ASN B 96 21.82 13.01 -17.09
N HIS B 97 20.51 13.13 -17.31
CA HIS B 97 19.64 13.63 -16.26
C HIS B 97 19.41 12.55 -15.23
N LEU B 98 18.87 12.99 -14.12
CA LEU B 98 18.68 12.15 -12.97
C LEU B 98 17.32 12.19 -12.30
N HIS B 99 16.99 11.03 -11.76
CA HIS B 99 15.80 10.83 -10.94
C HIS B 99 16.28 10.20 -9.65
N PRO B 100 15.62 10.53 -8.56
CA PRO B 100 16.09 9.92 -7.33
C PRO B 100 15.68 8.50 -7.13
N ILE B 101 16.55 7.78 -6.43
CA ILE B 101 16.25 6.44 -5.93
C ILE B 101 16.10 6.74 -4.44
N GLY B 102 14.87 6.67 -3.97
CA GLY B 102 14.57 7.02 -2.61
C GLY B 102 14.59 8.53 -2.46
N SER B 103 14.97 9.00 -1.29
CA SER B 103 14.96 10.44 -1.06
C SER B 103 16.34 10.95 -0.70
N PRO B 104 17.24 10.93 -1.69
CA PRO B 104 18.53 11.40 -1.29
C PRO B 104 18.57 12.90 -1.23
N SER B 105 19.56 13.38 -0.50
CA SER B 105 19.84 14.80 -0.43
C SER B 105 20.43 15.13 -1.79
N ALA B 106 20.07 16.29 -2.32
CA ALA B 106 20.59 16.72 -3.62
C ALA B 106 21.16 18.13 -3.56
N LYS B 107 22.47 18.18 -3.43
CA LYS B 107 23.21 19.45 -3.39
C LYS B 107 24.25 19.42 -4.49
N GLU B 108 24.41 20.55 -5.16
CA GLU B 108 25.40 20.65 -6.24
C GLU B 108 26.77 20.26 -5.73
N GLY B 109 27.43 19.42 -6.49
CA GLY B 109 28.77 19.03 -6.14
C GLY B 109 28.87 17.67 -5.53
N TYR B 110 27.74 17.06 -5.17
CA TYR B 110 27.83 15.70 -4.63
C TYR B 110 28.52 14.82 -5.65
N ARG B 111 29.48 14.04 -5.16
CA ARG B 111 30.22 13.08 -6.01
C ARG B 111 29.48 11.77 -6.15
N LEU B 112 29.21 11.42 -7.40
CA LEU B 112 28.44 10.25 -7.72
C LEU B 112 29.24 9.29 -8.56
N VAL B 113 29.03 8.03 -8.26
CA VAL B 113 29.69 6.92 -8.93
C VAL B 113 28.69 5.87 -9.41
N GLY B 114 29.15 5.14 -10.40
CA GLY B 114 28.38 4.05 -10.98
C GLY B 114 29.15 3.32 -12.05
N LYS B 115 28.44 2.46 -12.75
CA LYS B 115 29.06 1.69 -13.84
C LYS B 115 28.05 1.35 -14.88
N ASP B 116 28.45 1.56 -16.13
CA ASP B 116 27.60 1.12 -17.24
C ASP B 116 28.37 0.28 -18.21
N SER B 117 27.80 0.10 -19.39
CA SER B 117 28.39 -0.80 -20.39
C SER B 117 29.72 -0.27 -20.91
N ASN B 118 29.97 1.00 -20.63
CA ASN B 118 31.18 1.68 -21.08
C ASN B 118 32.15 1.81 -19.92
N GLY B 119 31.77 1.17 -18.83
CA GLY B 119 32.63 1.12 -17.64
C GLY B 119 32.26 2.00 -16.48
N ASP B 120 33.24 2.20 -15.64
CA ASP B 120 33.03 3.04 -14.46
C ASP B 120 32.61 4.42 -14.84
N ILE B 121 31.95 5.01 -13.87
CA ILE B 121 31.38 6.33 -13.98
C ILE B 121 31.64 7.12 -12.74
N GLU B 122 32.11 8.32 -12.99
CA GLU B 122 32.28 9.25 -11.94
C GLU B 122 31.77 10.57 -12.42
N GLY B 123 31.17 11.27 -11.51
CA GLY B 123 30.57 12.54 -11.83
C GLY B 123 30.09 13.31 -10.63
N VAL B 124 29.61 14.47 -10.96
CA VAL B 124 29.13 15.40 -9.97
C VAL B 124 27.71 15.78 -10.27
N LEU B 125 26.99 16.02 -9.20
CA LEU B 125 25.58 16.41 -9.26
C LEU B 125 25.47 17.91 -9.52
N LYS B 126 24.79 18.27 -10.61
CA LYS B 126 24.54 19.70 -11.01
C LYS B 126 23.04 19.96 -11.08
N ILE B 127 22.63 21.19 -10.75
CA ILE B 127 21.21 21.55 -10.66
C ILE B 127 20.84 22.47 -11.80
N VAL B 128 21.40 22.18 -12.96
CA VAL B 128 21.10 22.94 -14.22
C VAL B 128 19.64 23.06 -14.64
N ASP B 129 19.24 24.31 -14.85
CA ASP B 129 17.87 24.64 -15.30
C ASP B 129 16.77 24.12 -14.37
N GLU B 130 17.16 23.98 -13.11
CA GLU B 130 16.24 23.62 -12.03
C GLU B 130 15.90 22.16 -12.03
N GLU B 131 16.60 21.45 -12.88
CA GLU B 131 16.48 19.98 -12.94
C GLU B 131 17.80 19.35 -12.56
N TRP B 132 17.75 18.20 -11.92
CA TRP B 132 18.96 17.53 -11.50
C TRP B 132 19.57 16.72 -12.60
N LEU B 134 23.59 14.71 -13.84
CA LEU B 134 24.92 14.17 -13.57
C LEU B 134 25.87 14.77 -14.54
N GLU B 135 26.87 15.47 -13.99
CA GLU B 135 27.90 16.09 -14.81
C GLU B 135 29.07 15.15 -14.91
N THR B 136 29.24 14.61 -16.10
CA THR B 136 30.34 13.70 -16.33
C THR B 136 30.83 13.81 -17.77
N ASP B 137 31.93 13.13 -18.06
CA ASP B 137 32.64 13.27 -19.35
C ASP B 137 32.09 12.46 -20.49
N ARG B 138 30.93 11.86 -20.27
CA ARG B 138 30.29 11.08 -21.35
C ARG B 138 28.84 10.79 -21.09
N LEU B 139 28.19 10.36 -22.15
CA LEU B 139 26.78 10.00 -22.12
C LEU B 139 26.62 8.67 -21.43
N ILE B 140 25.93 8.73 -20.31
CA ILE B 140 25.68 7.55 -19.53
C ILE B 140 24.46 6.81 -20.03
N ASP B 141 24.61 5.50 -20.03
CA ASP B 141 23.52 4.63 -20.45
C ASP B 141 22.28 4.91 -19.58
N ARG B 142 21.15 4.85 -20.25
CA ARG B 142 19.87 5.05 -19.60
C ARG B 142 19.66 3.98 -18.57
N GLY B 143 19.11 4.39 -17.45
CA GLY B 143 18.80 3.46 -16.39
C GLY B 143 19.96 3.16 -15.45
N THR B 144 21.12 3.71 -15.80
CA THR B 144 22.30 3.54 -14.94
C THR B 144 22.07 4.21 -13.59
N GLU B 145 22.30 3.46 -12.53
CA GLU B 145 22.16 4.00 -11.20
C GLU B 145 23.47 4.58 -10.77
N VAL B 146 23.38 5.70 -10.07
CA VAL B 146 24.58 6.28 -9.47
C VAL B 146 24.35 6.45 -8.01
N THR B 147 25.48 6.46 -7.36
CA THR B 147 25.57 6.37 -5.91
C THR B 147 26.59 7.32 -5.37
N PHE B 148 26.44 7.66 -4.10
CA PHE B 148 27.39 8.56 -3.45
C PHE B 148 28.75 7.92 -3.47
N LYS B 149 29.74 8.74 -3.75
CA LYS B 149 31.11 8.27 -3.85
C LYS B 149 31.53 7.83 -2.47
N PRO B 150 32.02 6.59 -2.35
CA PRO B 150 32.50 6.15 -1.02
C PRO B 150 33.48 7.14 -0.48
N ASP B 151 33.30 7.44 0.78
CA ASP B 151 34.17 8.38 1.49
C ASP B 151 33.97 8.16 2.97
N PHE B 152 34.69 7.14 3.43
CA PHE B 152 34.64 6.66 4.80
C PHE B 152 35.66 7.38 5.65
N ARG B 153 35.12 8.04 6.66
CA ARG B 153 35.88 8.82 7.59
C ARG B 153 35.64 8.43 9.02
N GLU B 154 36.72 8.46 9.75
CA GLU B 154 36.69 8.14 11.15
C GLU B 154 37.19 9.36 11.89
N GLU B 155 36.27 10.12 12.48
CA GLU B 155 36.61 11.38 13.14
C GLU B 155 36.13 11.47 14.57
N GLY B 156 37.09 11.37 15.47
CA GLY B 156 36.83 11.38 16.90
C GLY B 156 36.10 10.11 17.24
N ASP B 157 34.96 10.32 17.85
CA ASP B 157 34.11 9.22 18.30
C ASP B 157 33.15 8.91 17.18
N PHE B 158 33.26 9.67 16.11
CA PHE B 158 32.37 9.53 14.96
C PHE B 158 32.89 8.81 13.75
N ILE B 159 31.89 8.44 12.97
CA ILE B 159 32.02 7.79 11.66
C ILE B 159 31.17 8.51 10.66
N LEU B 160 31.83 9.08 9.66
CA LEU B 160 31.13 9.80 8.60
C LEU B 160 31.36 9.11 7.31
N THR B 161 30.26 8.70 6.73
CA THR B 161 30.27 8.03 5.45
C THR B 161 28.89 8.00 4.81
N PRO B 162 28.85 7.91 3.49
CA PRO B 162 27.57 7.72 2.88
C PRO B 162 27.11 6.33 3.18
N TYR B 163 25.80 6.21 3.31
CA TYR B 163 25.13 4.94 3.46
C TYR B 163 25.23 4.20 4.79
N LEU B 164 25.44 4.94 5.85
CA LEU B 164 25.34 4.33 7.20
C LEU B 164 23.92 3.73 7.22
N ASP B 165 23.01 4.46 6.58
CA ASP B 165 21.65 4.00 6.39
C ASP B 165 21.71 3.28 5.06
N ASP B 166 21.73 1.95 5.07
CA ASP B 166 21.61 1.12 6.27
C ASP B 166 22.67 0.04 6.28
N ARG B 167 23.84 0.43 5.81
CA ARG B 167 24.95 -0.52 5.76
C ARG B 167 25.37 -0.76 7.20
N LEU B 168 25.00 0.18 8.06
CA LEU B 168 25.36 0.09 9.50
C LEU B 168 24.47 -0.97 10.08
N GLY B 169 23.27 -0.99 9.53
CA GLY B 169 22.25 -1.94 9.93
C GLY B 169 22.68 -3.31 9.49
N VAL B 170 23.29 -3.35 8.31
CA VAL B 170 23.72 -4.63 7.74
C VAL B 170 24.86 -5.14 8.60
N TRP B 171 25.69 -4.20 9.00
CA TRP B 171 26.88 -4.52 9.77
C TRP B 171 26.45 -5.07 11.12
N THR B 172 25.40 -4.46 11.65
CA THR B 172 24.92 -4.78 13.01
C THR B 172 24.36 -6.16 12.98
N ALA B 173 23.69 -6.45 11.88
CA ALA B 173 23.03 -7.74 11.67
C ALA B 173 24.10 -8.82 11.65
N LEU B 174 25.17 -8.52 10.93
CA LEU B 174 26.25 -9.47 10.80
C LEU B 174 26.92 -9.65 12.16
N GLU B 175 26.96 -8.59 12.94
CA GLU B 175 27.57 -8.71 14.26
C GLU B 175 26.75 -9.66 15.07
N LEU B 176 25.46 -9.36 15.03
CA LEU B 176 24.46 -10.15 15.73
C LEU B 176 24.68 -11.62 15.42
N ALA B 177 24.95 -11.88 14.16
CA ALA B 177 25.10 -13.25 13.66
C ALA B 177 26.23 -13.97 14.38
N LYS B 178 27.16 -13.20 14.91
CA LYS B 178 28.33 -13.81 15.55
C LYS B 178 27.95 -14.66 16.73
N THR B 179 26.85 -14.29 17.38
CA THR B 179 26.46 -15.00 18.61
C THR B 179 25.04 -15.47 18.63
N LEU B 180 24.22 -14.87 17.79
CA LEU B 180 22.80 -15.24 17.74
C LEU B 180 22.57 -16.74 17.72
N GLU B 181 21.71 -17.19 18.63
CA GLU B 181 21.35 -18.61 18.74
C GLU B 181 20.00 -18.94 18.11
N HIS B 182 19.04 -18.11 18.47
CA HIS B 182 17.68 -18.28 18.01
C HIS B 182 17.14 -17.02 17.42
N GLY B 183 16.85 -17.10 16.13
CA GLY B 183 16.33 -15.94 15.42
C GLY B 183 16.60 -15.90 13.94
N ILE B 184 16.02 -14.89 13.35
CA ILE B 184 16.11 -14.67 11.93
C ILE B 184 16.66 -13.31 11.60
N ILE B 185 17.59 -13.34 10.66
CA ILE B 185 18.20 -12.12 10.11
C ILE B 185 17.89 -12.07 8.63
N ALA B 186 17.13 -11.05 8.25
CA ALA B 186 16.74 -10.92 6.86
C ALA B 186 17.31 -9.65 6.31
N PHE B 187 17.94 -9.77 5.14
CA PHE B 187 18.51 -8.64 4.42
C PHE B 187 17.56 -8.35 3.28
N THR B 188 17.04 -7.15 3.32
CA THR B 188 15.96 -6.75 2.40
C THR B 188 16.34 -5.80 1.29
N CYS B 189 15.40 -5.66 0.37
CA CYS B 189 15.61 -4.82 -0.81
C CYS B 189 14.53 -3.80 -0.97
N TRP B 190 14.93 -2.70 -1.58
CA TRP B 190 14.02 -1.63 -1.96
C TRP B 190 13.50 -0.79 -0.81
N GLU B 191 14.04 -0.97 0.37
CA GLU B 191 13.53 -0.21 1.52
C GLU B 191 13.44 1.26 1.24
N GLU B 192 14.44 1.75 0.54
CA GLU B 192 14.50 3.21 0.32
C GLU B 192 13.55 3.68 -0.73
N HIS B 193 13.00 2.73 -1.46
CA HIS B 193 12.20 3.12 -2.60
C HIS B 193 10.95 2.30 -2.78
N GLY B 194 10.11 2.35 -1.76
CA GLY B 194 8.78 1.74 -1.82
C GLY B 194 8.65 0.31 -1.39
N GLY B 195 9.77 -0.33 -1.13
CA GLY B 195 9.77 -1.72 -0.70
C GLY B 195 9.27 -2.69 -1.73
N GLY B 196 8.79 -3.81 -1.23
CA GLY B 196 8.28 -4.87 -2.09
C GLY B 196 9.05 -6.17 -2.05
N SER B 197 9.92 -6.27 -1.05
CA SER B 197 10.61 -7.53 -0.79
C SER B 197 10.16 -8.05 0.58
N VAL B 198 10.00 -7.13 1.50
CA VAL B 198 9.61 -7.54 2.84
C VAL B 198 8.25 -8.21 2.81
N ALA B 199 7.41 -7.80 1.88
CA ALA B 199 6.06 -8.37 1.81
C ALA B 199 6.14 -9.88 1.68
N TYR B 200 6.98 -10.37 0.78
CA TYR B 200 7.04 -11.82 0.61
C TYR B 200 7.76 -12.43 1.79
N LEU B 201 8.73 -11.70 2.31
CA LEU B 201 9.48 -12.16 3.47
C LEU B 201 8.52 -12.26 4.69
N ALA B 202 7.62 -11.32 4.77
CA ALA B 202 6.66 -11.26 5.88
C ALA B 202 5.82 -12.53 5.83
N ARG B 203 5.41 -12.86 4.62
CA ARG B 203 4.59 -14.04 4.45
C ARG B 203 5.34 -15.33 4.82
N TRP B 204 6.43 -15.51 4.12
CA TRP B 204 7.20 -16.75 4.23
C TRP B 204 7.72 -17.03 5.63
N ILE B 205 8.21 -16.00 6.29
CA ILE B 205 8.79 -16.16 7.62
C ILE B 205 7.71 -16.57 8.60
N TYR B 206 6.58 -15.89 8.49
CA TYR B 206 5.43 -16.16 9.35
C TYR B 206 4.90 -17.55 9.13
N GLU B 207 4.76 -17.89 7.86
CA GLU B 207 4.15 -19.17 7.51
C GLU B 207 5.07 -20.34 7.79
N THR B 208 6.36 -20.15 7.60
CA THR B 208 7.31 -21.24 7.67
C THR B 208 7.84 -21.41 9.07
N PHE B 209 8.09 -20.29 9.72
CA PHE B 209 8.69 -20.30 11.08
C PHE B 209 7.78 -19.86 12.18
N HIS B 210 6.62 -19.39 11.82
CA HIS B 210 5.61 -18.98 12.79
C HIS B 210 6.12 -17.87 13.67
N VAL B 211 7.00 -17.09 13.08
CA VAL B 211 7.54 -15.88 13.71
C VAL B 211 6.70 -14.64 13.36
N LYS B 212 6.36 -13.87 14.38
CA LYS B 212 5.56 -12.67 14.14
C LYS B 212 6.00 -11.47 14.93
N GLN B 213 7.24 -11.57 15.40
CA GLN B 213 7.91 -10.50 16.11
C GLN B 213 9.09 -10.10 15.28
N SER B 214 9.25 -8.79 15.14
CA SER B 214 10.37 -8.29 14.41
C SER B 214 10.99 -7.07 15.05
N LEU B 215 12.20 -6.85 14.57
CA LEU B 215 13.01 -5.69 14.90
C LEU B 215 13.51 -5.16 13.56
N ILE B 216 13.34 -3.87 13.37
CA ILE B 216 13.81 -3.23 12.15
C ILE B 216 15.13 -2.59 12.47
N CYS B 217 16.16 -3.20 11.91
CA CYS B 217 17.53 -2.78 12.14
C CYS B 217 17.94 -1.76 11.09
N ASP B 218 17.68 -0.51 11.41
CA ASP B 218 17.94 0.60 10.46
C ASP B 218 18.35 1.81 11.29
N ILE B 219 18.73 2.85 10.59
CA ILE B 219 19.28 4.04 11.23
C ILE B 219 18.31 5.19 11.19
N THR B 220 18.22 5.89 12.30
CA THR B 220 17.30 6.99 12.38
C THR B 220 18.01 8.34 12.44
N TRP B 221 17.29 9.36 12.90
CA TRP B 221 17.85 10.71 12.95
C TRP B 221 18.25 11.16 14.30
N VAL B 222 19.31 11.94 14.29
CA VAL B 222 19.74 12.63 15.48
C VAL B 222 18.80 13.80 15.59
N THR B 223 18.40 14.04 16.82
CA THR B 223 17.33 14.99 17.12
C THR B 223 17.63 15.74 18.39
N GLU B 224 16.84 16.79 18.62
CA GLU B 224 16.95 17.57 19.86
C GLU B 224 16.51 16.57 20.93
N GLY B 225 15.76 15.59 20.48
CA GLY B 225 15.15 14.57 21.35
C GLY B 225 15.84 13.22 21.35
N VAL B 226 16.68 13.05 20.34
CA VAL B 226 17.49 11.83 20.15
C VAL B 226 18.90 12.28 19.81
N GLU B 227 19.79 12.29 20.81
CA GLU B 227 21.17 12.82 20.66
C GLU B 227 22.25 11.81 20.41
N ALA B 228 23.25 12.29 19.69
CA ALA B 228 24.39 11.48 19.25
C ALA B 228 25.21 11.11 20.44
N GLY B 229 25.35 9.82 20.67
CA GLY B 229 26.20 9.28 21.74
C GLY B 229 25.46 9.07 23.01
N LYS B 230 24.19 9.43 22.98
CA LYS B 230 23.32 9.28 24.15
C LYS B 230 22.63 7.91 24.06
N GLY B 231 22.95 7.13 23.04
CA GLY B 231 22.43 5.76 22.95
C GLY B 231 21.57 5.36 21.76
N VAL B 232 21.48 4.05 21.56
CA VAL B 232 20.65 3.51 20.47
C VAL B 232 19.21 3.93 20.67
N ALA B 233 18.54 4.10 19.54
CA ALA B 233 17.17 4.57 19.53
C ALA B 233 16.16 3.48 19.33
N ILE B 234 15.22 3.44 20.26
CA ILE B 234 14.04 2.56 20.17
C ILE B 234 12.93 3.46 19.70
N SER B 235 12.44 3.24 18.48
CA SER B 235 11.37 4.09 17.98
C SER B 235 10.03 3.62 18.53
N ARG B 237 7.47 5.10 17.67
CA ARG B 237 6.65 5.40 16.47
C ARG B 237 7.29 6.40 15.54
N ASP B 238 6.86 6.34 14.30
CA ASP B 238 7.27 7.32 13.27
C ASP B 238 6.07 7.66 12.44
N ARG B 239 6.19 7.50 11.14
CA ARG B 239 5.03 7.74 10.33
C ARG B 239 4.00 6.73 10.78
N ILE B 241 2.77 3.48 13.53
CA ILE B 241 2.63 3.24 14.95
C ILE B 241 2.57 1.77 15.27
N PRO B 242 3.58 1.23 15.95
CA PRO B 242 3.39 -0.19 16.22
C PRO B 242 2.49 -0.42 17.39
N ARG B 243 2.37 -1.66 17.85
CA ARG B 243 1.54 -1.96 19.02
C ARG B 243 2.25 -1.49 20.24
N LYS B 244 1.61 -0.58 20.94
CA LYS B 244 2.20 -0.06 22.16
C LYS B 244 2.74 -1.18 23.05
N LYS B 245 2.02 -2.29 23.14
CA LYS B 245 2.40 -3.37 24.09
C LYS B 245 3.66 -4.05 23.64
N TYR B 246 3.95 -3.93 22.36
CA TYR B 246 5.13 -4.61 21.85
C TYR B 246 6.33 -3.69 22.10
N VAL B 247 6.12 -2.41 21.90
CA VAL B 247 7.18 -1.44 22.12
C VAL B 247 7.46 -1.39 23.63
N ASN B 248 6.41 -1.48 24.43
CA ASN B 248 6.58 -1.41 25.88
C ASN B 248 7.43 -2.56 26.35
N ARG B 249 7.14 -3.70 25.75
CA ARG B 249 7.77 -4.94 26.17
C ARG B 249 9.26 -4.90 25.87
N ILE B 250 9.56 -4.28 24.72
CA ILE B 250 10.95 -4.09 24.28
C ILE B 250 11.68 -3.17 25.25
N ILE B 251 11.07 -2.02 25.48
CA ILE B 251 11.60 -0.97 26.33
C ILE B 251 11.90 -1.62 27.67
N GLU B 252 11.02 -2.51 28.07
CA GLU B 252 11.07 -3.17 29.39
C GLU B 252 12.33 -3.96 29.43
N LEU B 253 12.51 -4.78 28.41
CA LEU B 253 13.67 -5.66 28.29
C LEU B 253 14.95 -4.84 28.27
N ALA B 254 14.87 -3.70 27.58
CA ALA B 254 16.02 -2.80 27.38
C ALA B 254 16.51 -2.26 28.74
N ARG B 255 15.58 -2.05 29.65
CA ARG B 255 15.87 -1.52 30.96
C ARG B 255 16.42 -2.56 31.92
N GLN B 256 16.40 -3.81 31.51
CA GLN B 256 16.93 -4.92 32.30
C GLN B 256 18.42 -4.89 32.05
N THR B 257 18.75 -3.94 31.18
CA THR B 257 20.09 -3.66 30.71
C THR B 257 20.64 -2.33 31.22
N ASP B 258 21.95 -2.18 31.05
CA ASP B 258 22.66 -0.94 31.38
C ASP B 258 23.16 -0.36 30.05
N ILE B 259 22.60 -0.90 28.99
CA ILE B 259 22.89 -0.44 27.65
C ILE B 259 22.13 0.86 27.45
N PRO B 260 22.85 1.92 27.08
CA PRO B 260 22.11 3.17 26.89
C PRO B 260 21.29 3.20 25.63
N PHE B 261 20.05 3.63 25.81
CA PHE B 261 19.10 3.78 24.70
C PHE B 261 18.24 5.00 24.88
N GLN B 262 17.80 5.54 23.77
CA GLN B 262 16.92 6.69 23.81
C GLN B 262 15.62 6.25 23.15
N LEU B 263 14.55 6.89 23.59
CA LEU B 263 13.21 6.62 23.12
C LEU B 263 12.83 7.65 22.10
N GLU B 264 12.71 7.18 20.88
CA GLU B 264 12.29 8.02 19.76
C GLU B 264 10.78 8.08 19.57
N VAL B 265 10.30 9.31 19.43
CA VAL B 265 8.89 9.54 19.05
C VAL B 265 8.83 10.58 17.93
N GLU B 266 8.73 10.07 16.71
CA GLU B 266 8.67 10.90 15.51
C GLU B 266 7.27 10.91 14.94
N GLY B 267 7.02 11.94 14.12
CA GLY B 267 5.76 12.12 13.41
C GLY B 267 5.93 11.68 11.93
N ALA B 268 7.12 11.28 11.58
CA ALA B 268 7.32 10.90 10.18
C ALA B 268 8.45 9.94 10.00
N GLY B 269 8.49 9.42 8.78
CA GLY B 269 9.46 8.42 8.35
C GLY B 269 8.96 7.00 8.45
N ALA B 270 9.44 6.18 7.54
CA ALA B 270 9.02 4.81 7.52
C ALA B 270 10.20 3.87 7.27
N SER B 271 9.94 2.62 7.55
CA SER B 271 10.94 1.63 7.44
C SER B 271 10.28 0.38 7.00
N ASP B 272 11.07 -0.68 7.00
CA ASP B 272 10.57 -2.02 6.66
C ASP B 272 9.43 -2.40 7.59
N GLY B 273 9.40 -1.73 8.72
CA GLY B 273 8.42 -2.03 9.73
C GLY B 273 7.04 -1.77 9.18
N ARG B 274 6.99 -0.74 8.35
CA ARG B 274 5.72 -0.36 7.75
C ARG B 274 5.19 -1.47 6.89
N GLU B 275 6.11 -2.14 6.22
CA GLU B 275 5.70 -3.14 5.24
C GLU B 275 5.19 -4.33 5.99
N LEU B 276 5.81 -4.55 7.14
CA LEU B 276 5.40 -5.65 8.00
C LEU B 276 3.97 -5.37 8.52
N GLN B 277 3.80 -4.15 9.00
CA GLN B 277 2.56 -3.69 9.61
C GLN B 277 1.39 -3.84 8.68
N LEU B 278 1.67 -3.57 7.39
CA LEU B 278 0.64 -3.51 6.34
C LEU B 278 0.47 -4.83 5.67
N SER B 279 1.30 -5.78 6.01
CA SER B 279 1.26 -7.12 5.39
C SER B 279 0.02 -7.86 5.84
N PRO B 280 -0.31 -8.97 5.17
CA PRO B 280 -1.47 -9.77 5.58
C PRO B 280 -1.10 -10.73 6.66
N TYR B 281 0.01 -10.45 7.35
CA TYR B 281 0.46 -11.30 8.45
C TYR B 281 0.61 -10.45 9.69
N PRO B 282 0.16 -10.98 10.83
CA PRO B 282 0.03 -10.28 12.08
C PRO B 282 1.34 -10.02 12.75
N TRP B 283 2.18 -9.25 12.07
CA TRP B 283 3.48 -8.88 12.61
C TRP B 283 3.52 -7.70 13.56
N ASP B 284 4.29 -7.94 14.60
CA ASP B 284 4.73 -6.92 15.53
C ASP B 284 6.07 -6.47 14.98
N TRP B 285 6.36 -5.22 15.27
CA TRP B 285 7.59 -4.62 14.79
C TRP B 285 7.98 -3.41 15.57
N CYS B 286 9.28 -3.19 15.61
CA CYS B 286 9.86 -2.07 16.35
C CYS B 286 11.19 -1.69 15.77
N PHE B 287 11.30 -0.41 15.47
CA PHE B 287 12.47 0.12 14.80
C PHE B 287 13.48 0.45 15.86
N ILE B 288 14.59 -0.26 15.81
CA ILE B 288 15.66 -0.01 16.74
C ILE B 288 16.97 0.17 16.00
N GLY B 289 17.61 1.30 16.27
CA GLY B 289 18.88 1.62 15.66
C GLY B 289 19.51 2.92 16.08
N ALA B 290 20.78 3.03 15.73
CA ALA B 290 21.57 4.21 16.04
C ALA B 290 21.01 5.41 15.25
N PRO B 291 21.10 6.61 15.83
CA PRO B 291 20.68 7.79 15.12
C PRO B 291 21.84 8.41 14.39
N GLU B 292 21.55 9.08 13.29
CA GLU B 292 22.59 9.74 12.49
C GLU B 292 22.29 11.19 12.17
N LYS B 293 23.33 11.99 12.01
CA LYS B 293 23.15 13.34 11.53
C LYS B 293 23.27 13.24 10.02
N ASP B 294 22.62 14.17 9.34
CA ASP B 294 22.75 14.35 7.90
C ASP B 294 22.34 13.13 7.12
N ALA B 295 21.28 12.51 7.59
CA ALA B 295 20.73 11.34 6.95
C ALA B 295 20.58 11.59 5.46
N HIS B 296 20.84 10.55 4.68
CA HIS B 296 20.62 10.60 3.23
C HIS B 296 21.54 11.57 2.51
N THR B 297 22.58 11.97 3.22
CA THR B 297 23.62 12.82 2.61
C THR B 297 24.85 11.95 2.52
N PRO B 298 25.91 12.43 1.82
CA PRO B 298 27.15 11.65 1.76
C PRO B 298 27.95 11.81 3.05
N ASN B 299 27.31 12.38 4.04
CA ASN B 299 28.02 12.66 5.31
C ASN B 299 27.28 12.16 6.50
N GLU B 300 26.57 11.08 6.29
CA GLU B 300 25.85 10.43 7.36
C GLU B 300 26.85 10.20 8.47
N CYS B 301 26.49 10.68 9.65
CA CYS B 301 27.36 10.62 10.79
C CYS B 301 26.74 9.95 11.99
N VAL B 302 27.46 8.95 12.50
CA VAL B 302 27.01 8.20 13.68
C VAL B 302 28.13 8.05 14.68
N HIS B 303 27.72 8.08 15.95
CA HIS B 303 28.63 8.02 17.10
C HIS B 303 28.90 6.57 17.46
N LYS B 304 30.17 6.26 17.61
CA LYS B 304 30.64 4.91 17.76
C LYS B 304 30.02 4.26 18.94
N LYS B 305 29.60 5.07 19.88
CA LYS B 305 29.03 4.56 21.13
C LYS B 305 27.61 4.01 20.91
N ASP B 306 26.95 4.59 19.94
CA ASP B 306 25.57 4.20 19.61
C ASP B 306 25.61 2.92 18.76
N ILE B 307 26.71 2.74 18.07
CA ILE B 307 26.89 1.55 17.28
C ILE B 307 27.01 0.45 18.31
N GLU B 308 27.75 0.78 19.34
CA GLU B 308 28.05 -0.18 20.36
C GLU B 308 26.77 -0.56 21.11
N SER B 309 25.96 0.45 21.40
CA SER B 309 24.72 0.24 22.13
C SER B 309 23.76 -0.59 21.28
N VAL B 311 24.38 -2.75 18.80
CA VAL B 311 24.76 -4.15 18.73
C VAL B 311 24.39 -4.87 20.00
N GLY B 312 24.54 -4.16 21.10
CA GLY B 312 24.32 -4.75 22.41
C GLY B 312 22.88 -5.07 22.72
N LEU B 313 22.02 -4.16 22.26
CA LEU B 313 20.59 -4.24 22.54
C LEU B 313 19.99 -5.30 21.66
N TYR B 314 20.52 -5.37 20.45
CA TYR B 314 20.08 -6.40 19.50
C TYR B 314 20.41 -7.77 20.07
N LYS B 315 21.63 -7.91 20.56
CA LYS B 315 22.07 -9.19 21.14
C LYS B 315 21.13 -9.60 22.28
N TYR B 316 20.79 -8.63 23.12
CA TYR B 316 19.96 -8.88 24.31
C TYR B 316 18.51 -9.09 23.94
N LEU B 317 18.02 -8.26 23.04
CA LEU B 317 16.62 -8.35 22.65
C LEU B 317 16.35 -9.67 21.94
N GLU B 319 17.62 -12.34 22.35
CA GLU B 319 17.72 -13.48 23.21
C GLU B 319 16.54 -13.58 24.15
N LYS B 320 16.01 -12.44 24.59
CA LYS B 320 14.95 -12.40 25.59
C LYS B 320 13.55 -12.22 25.01
N LEU B 321 13.45 -11.74 23.76
CA LEU B 321 12.14 -11.57 23.10
C LEU B 321 11.49 -12.91 22.78
N GLU C 13 -20.62 -4.74 35.54
CA GLU C 13 -21.68 -3.65 35.50
C GLU C 13 -21.92 -3.12 34.10
N ASN C 14 -21.04 -2.20 33.74
CA ASN C 14 -20.95 -1.65 32.35
C ASN C 14 -20.94 -2.82 31.35
N LEU C 15 -20.42 -3.95 31.81
CA LEU C 15 -20.39 -5.18 31.00
C LEU C 15 -21.80 -5.59 30.67
N TYR C 16 -22.74 -4.69 30.98
CA TYR C 16 -24.18 -4.97 30.78
C TYR C 16 -24.97 -3.78 30.28
N PHE C 17 -24.27 -2.68 30.06
CA PHE C 17 -24.93 -1.52 29.57
C PHE C 17 -25.63 -1.82 28.25
N GLN C 18 -26.37 -0.81 27.83
CA GLN C 18 -27.14 -0.86 26.61
C GLN C 18 -27.41 0.53 26.08
N GLY C 19 -28.13 0.52 24.98
CA GLY C 19 -28.45 1.73 24.24
C GLY C 19 -27.35 2.78 24.33
N GLN C 21 -26.19 4.31 26.79
CA GLN C 21 -25.31 4.20 27.95
C GLN C 21 -24.07 3.42 27.56
N LEU C 22 -24.28 2.46 26.67
CA LEU C 22 -23.19 1.57 26.21
C LEU C 22 -22.33 2.36 25.27
N LEU C 23 -22.95 3.27 24.55
CA LEU C 23 -22.24 4.11 23.57
C LEU C 23 -21.32 5.02 24.33
N LYS C 24 -21.84 5.51 25.42
CA LYS C 24 -21.11 6.49 26.26
C LYS C 24 -19.87 5.83 26.80
N GLU C 25 -20.07 4.57 27.17
CA GLU C 25 -19.03 3.76 27.76
C GLU C 25 -17.95 3.53 26.70
N LEU C 26 -18.39 3.05 25.54
CA LEU C 26 -17.45 2.79 24.40
C LEU C 26 -16.67 4.02 24.05
N CYS C 27 -17.34 5.16 24.16
CA CYS C 27 -16.73 6.43 23.78
C CYS C 27 -15.73 6.93 24.78
N SER C 28 -15.73 6.32 25.96
CA SER C 28 -14.92 6.76 27.10
C SER C 28 -13.62 5.99 27.22
N ILE C 29 -13.60 4.85 26.56
CA ILE C 29 -12.44 3.95 26.62
C ILE C 29 -11.35 4.46 25.74
N HIS C 30 -10.22 4.73 26.36
CA HIS C 30 -9.03 5.26 25.72
C HIS C 30 -8.42 4.15 24.84
N ALA C 31 -8.61 4.28 23.54
CA ALA C 31 -8.06 3.29 22.61
C ALA C 31 -7.64 3.91 21.29
N PRO C 32 -6.48 4.58 21.30
CA PRO C 32 -6.09 5.16 20.04
C PRO C 32 -5.41 4.10 19.17
N SER C 33 -5.13 4.47 17.93
CA SER C 33 -4.50 3.53 17.05
C SER C 33 -3.24 3.00 17.69
N GLY C 34 -3.12 1.69 17.61
CA GLY C 34 -1.93 0.98 18.05
C GLY C 34 -2.09 0.57 19.49
N ASN C 35 -3.06 1.12 20.18
CA ASN C 35 -3.31 0.73 21.58
C ASN C 35 -4.77 0.52 21.80
N GLU C 36 -5.35 -0.37 20.98
CA GLU C 36 -6.77 -0.65 21.03
C GLU C 36 -7.09 -1.62 22.15
N GLU C 37 -6.07 -2.18 22.73
CA GLU C 37 -6.26 -3.26 23.70
C GLU C 37 -7.29 -3.01 24.80
N PRO C 38 -7.33 -1.81 25.37
CA PRO C 38 -8.29 -1.66 26.46
C PRO C 38 -9.73 -1.78 26.02
N LEU C 39 -9.97 -1.44 24.77
CA LEU C 39 -11.32 -1.50 24.21
C LEU C 39 -11.58 -2.93 23.82
N LYS C 40 -10.56 -3.54 23.24
CA LYS C 40 -10.66 -4.94 22.88
C LYS C 40 -11.10 -5.69 24.13
N ASP C 41 -10.36 -5.43 25.21
CA ASP C 41 -10.57 -6.15 26.49
C ASP C 41 -12.01 -6.05 26.95
N PHE C 42 -12.54 -4.86 26.83
CA PHE C 42 -13.91 -4.58 27.24
C PHE C 42 -14.91 -5.25 26.33
N ILE C 43 -14.69 -5.08 25.04
CA ILE C 43 -15.64 -5.59 24.06
C ILE C 43 -15.71 -7.07 24.21
N LEU C 44 -14.57 -7.63 24.53
CA LEU C 44 -14.42 -9.09 24.59
C LEU C 44 -15.19 -9.61 25.80
N GLU C 45 -15.06 -8.95 26.94
CA GLU C 45 -15.76 -9.40 28.16
C GLU C 45 -17.24 -9.09 28.00
N TYR C 46 -17.52 -8.05 27.25
CA TYR C 46 -18.89 -7.62 27.08
C TYR C 46 -19.61 -8.65 26.26
N ILE C 47 -18.91 -9.21 25.28
CA ILE C 47 -19.50 -10.20 24.38
C ILE C 47 -19.77 -11.45 25.16
N ARG C 48 -18.82 -11.75 26.03
CA ARG C 48 -18.88 -13.00 26.78
C ARG C 48 -19.92 -12.90 27.84
N SER C 49 -20.44 -11.71 28.02
CA SER C 49 -21.47 -11.52 29.05
C SER C 49 -22.84 -11.65 28.45
N ASN C 50 -22.92 -11.10 27.25
CA ASN C 50 -24.19 -10.88 26.56
C ASN C 50 -24.55 -11.91 25.48
N ALA C 51 -23.53 -12.58 24.97
CA ALA C 51 -23.74 -13.50 23.85
C ALA C 51 -24.84 -14.49 24.15
N GLY C 52 -25.02 -14.78 25.42
CA GLY C 52 -25.93 -15.83 25.83
C GLY C 52 -27.36 -15.40 25.63
N SER C 53 -27.53 -14.09 25.61
CA SER C 53 -28.85 -13.45 25.50
C SER C 53 -29.18 -13.17 24.04
N TRP C 54 -28.18 -13.33 23.20
CA TRP C 54 -28.37 -13.12 21.74
C TRP C 54 -29.14 -14.25 21.10
N SER C 55 -29.59 -14.00 19.89
CA SER C 55 -30.41 -14.97 19.18
C SER C 55 -29.56 -16.15 18.80
N TYR C 56 -28.31 -15.83 18.52
CA TYR C 56 -27.35 -16.82 18.06
C TYR C 56 -26.03 -16.60 18.69
N GLN C 57 -25.39 -17.69 19.12
CA GLN C 57 -24.10 -17.58 19.79
C GLN C 57 -22.98 -17.72 18.79
N PRO C 58 -22.12 -16.69 18.68
CA PRO C 58 -21.07 -16.83 17.71
C PRO C 58 -19.84 -17.49 18.29
N VAL C 59 -18.94 -17.88 17.42
CA VAL C 59 -17.67 -18.43 17.88
C VAL C 59 -16.77 -17.21 18.00
N ILE C 60 -16.16 -17.04 19.15
CA ILE C 60 -15.30 -15.87 19.34
C ILE C 60 -13.86 -16.17 19.04
N TYR C 61 -13.27 -15.30 18.22
CA TYR C 61 -11.86 -15.38 17.88
C TYR C 61 -11.15 -14.14 18.35
N ALA C 62 -10.15 -14.39 19.18
CA ALA C 62 -9.30 -13.34 19.75
C ALA C 62 -8.05 -14.04 20.22
N ASP C 63 -6.91 -13.44 19.95
CA ASP C 63 -5.65 -14.09 20.29
C ASP C 63 -4.45 -13.57 19.51
N ASN C 64 -3.36 -14.30 19.69
CA ASN C 64 -2.05 -13.85 19.20
C ASN C 64 -1.94 -13.56 17.71
N ASP C 65 -2.59 -14.44 16.94
CA ASP C 65 -2.52 -14.32 15.50
C ASP C 65 -3.53 -13.31 15.01
N LEU C 66 -4.23 -12.68 15.93
CA LEU C 66 -5.17 -11.62 15.51
C LEU C 66 -4.78 -10.32 16.15
N GLN C 67 -3.58 -10.32 16.71
CA GLN C 67 -3.14 -9.21 17.55
C GLN C 67 -4.28 -8.86 18.49
N ASP C 68 -4.71 -7.61 18.46
CA ASP C 68 -5.77 -7.17 19.36
C ASP C 68 -7.13 -7.06 18.67
N CYS C 69 -7.28 -7.78 17.58
CA CYS C 69 -8.55 -7.80 16.88
C CYS C 69 -9.47 -8.86 17.45
N ILE C 70 -10.73 -8.65 17.14
CA ILE C 70 -11.77 -9.61 17.53
C ILE C 70 -12.58 -9.95 16.30
N VAL C 71 -12.84 -11.23 16.13
CA VAL C 71 -13.72 -11.66 15.07
C VAL C 71 -14.78 -12.57 15.63
N LEU C 72 -16.02 -12.21 15.36
CA LEU C 72 -17.17 -13.00 15.74
C LEU C 72 -17.71 -13.70 14.52
N VAL C 73 -17.82 -15.02 14.61
CA VAL C 73 -18.38 -15.80 13.51
C VAL C 73 -19.69 -16.43 13.91
N PHE C 74 -20.75 -15.95 13.27
CA PHE C 74 -22.13 -16.40 13.50
C PHE C 74 -22.56 -17.30 12.39
N GLY C 75 -23.05 -18.46 12.78
CA GLY C 75 -23.52 -19.47 11.83
C GLY C 75 -22.60 -19.79 10.66
N ASN C 76 -23.23 -19.72 9.50
CA ASN C 76 -22.62 -20.01 8.20
CA ASN C 76 -22.61 -20.01 8.23
C ASN C 76 -22.53 -18.70 7.45
N PRO C 77 -21.46 -17.91 7.72
CA PRO C 77 -21.35 -16.56 7.20
C PRO C 77 -21.15 -16.43 5.75
N ARG C 78 -21.63 -15.30 5.24
CA ARG C 78 -21.53 -14.93 3.84
C ARG C 78 -21.01 -13.53 3.71
N THR C 79 -21.13 -12.78 4.78
CA THR C 79 -20.71 -11.39 4.80
C THR C 79 -20.01 -11.00 6.09
N ALA C 80 -19.00 -10.18 5.96
CA ALA C 80 -18.24 -9.72 7.10
C ALA C 80 -18.39 -8.23 7.23
N VAL C 81 -18.64 -7.82 8.46
CA VAL C 81 -18.76 -6.40 8.84
C VAL C 81 -17.56 -6.01 9.71
N PHE C 82 -16.98 -4.89 9.32
CA PHE C 82 -15.78 -4.34 9.91
C PHE C 82 -15.97 -2.97 10.55
N ALA C 83 -15.67 -2.93 11.83
CA ALA C 83 -15.75 -1.70 12.64
C ALA C 83 -14.45 -1.54 13.41
N HIS C 84 -13.88 -0.35 13.30
CA HIS C 84 -12.58 -0.03 13.90
C HIS C 84 -12.70 0.48 15.31
N ASP C 86 -10.05 1.57 17.15
CA ASP C 86 -9.10 2.65 17.40
C ASP C 86 -9.71 3.96 17.14
N SER C 87 -9.18 4.93 17.86
CA SER C 87 -9.60 6.29 17.70
C SER C 87 -8.42 7.21 17.41
N ILE C 88 -8.75 8.35 16.84
CA ILE C 88 -7.76 9.39 16.62
C ILE C 88 -7.30 9.89 17.98
N GLY C 89 -6.20 10.62 17.94
CA GLY C 89 -5.59 11.20 19.15
C GLY C 89 -4.28 11.90 18.91
N PHE C 90 -3.43 11.84 19.93
CA PHE C 90 -2.10 12.42 19.88
C PHE C 90 -1.07 11.61 20.63
N THR C 91 0.16 11.67 20.13
CA THR C 91 1.28 11.01 20.75
C THR C 91 2.22 12.08 21.25
N VAL C 92 2.43 12.03 22.57
CA VAL C 92 3.36 12.91 23.25
C VAL C 92 4.74 12.43 22.93
N SER C 93 5.51 13.37 22.37
CA SER C 93 6.90 13.17 21.98
C SER C 93 7.76 13.72 23.10
N TYR C 94 8.49 14.78 22.75
CA TYR C 94 9.49 15.38 23.62
C TYR C 94 9.00 16.73 24.10
N ASN C 95 9.11 16.91 25.42
CA ASN C 95 8.78 18.16 26.09
C ASN C 95 7.30 18.48 25.93
N ASN C 96 6.54 17.41 25.83
CA ASN C 96 5.07 17.51 25.79
C ASN C 96 4.52 17.96 24.45
N HIS C 97 5.45 17.96 23.49
CA HIS C 97 5.07 18.17 22.10
C HIS C 97 4.30 16.94 21.65
N LEU C 98 3.55 17.16 20.59
CA LEU C 98 2.62 16.15 20.15
C LEU C 98 2.68 15.88 18.69
N HIS C 99 2.34 14.62 18.37
CA HIS C 99 2.12 14.21 16.98
C HIS C 99 0.76 13.61 16.79
N PRO C 100 0.15 13.80 15.60
CA PRO C 100 -1.16 13.24 15.54
C PRO C 100 -1.19 11.75 15.43
N ILE C 101 -2.28 11.21 15.99
CA ILE C 101 -2.62 9.80 15.77
C ILE C 101 -3.86 9.92 14.89
N GLY C 102 -3.75 9.47 13.65
CA GLY C 102 -4.86 9.65 12.71
C GLY C 102 -4.82 11.09 12.30
N SER C 103 -5.96 11.65 11.93
CA SER C 103 -5.99 13.04 11.54
C SER C 103 -6.96 13.82 12.41
N PRO C 104 -6.57 14.08 13.67
CA PRO C 104 -7.55 14.79 14.47
C PRO C 104 -7.57 16.27 14.22
N SER C 105 -8.72 16.87 14.48
CA SER C 105 -8.88 18.31 14.42
C SER C 105 -8.00 18.82 15.55
N ALA C 106 -7.27 19.94 15.32
CA ALA C 106 -6.40 20.61 16.32
C ALA C 106 -6.78 22.06 16.48
N LYS C 107 -7.39 22.40 17.62
CA LYS C 107 -7.80 23.80 17.92
C LYS C 107 -7.48 24.14 19.41
N GLU C 108 -6.81 25.29 19.62
CA GLU C 108 -6.37 25.67 20.96
C GLU C 108 -7.51 25.65 21.93
N GLY C 109 -7.32 24.77 23.00
CA GLY C 109 -8.26 24.53 24.07
C GLY C 109 -8.65 23.06 24.19
N TYR C 110 -8.67 22.30 23.08
CA TYR C 110 -9.09 20.89 23.16
C TYR C 110 -8.54 20.13 24.38
N ARG C 111 -9.44 19.48 25.11
CA ARG C 111 -9.11 18.67 26.29
C ARG C 111 -8.72 17.29 25.83
N LEU C 112 -7.57 16.86 26.34
CA LEU C 112 -7.01 15.57 26.08
C LEU C 112 -6.73 14.82 27.35
N VAL C 113 -6.73 13.50 27.27
CA VAL C 113 -6.43 12.63 28.41
C VAL C 113 -5.59 11.42 28.13
N GLY C 114 -5.06 10.88 29.22
CA GLY C 114 -4.18 9.70 29.22
C GLY C 114 -3.57 9.36 30.56
N LYS C 115 -2.68 8.39 30.51
CA LYS C 115 -1.99 7.88 31.69
C LYS C 115 -0.54 7.51 31.42
N ASP C 116 0.36 7.92 32.30
CA ASP C 116 1.76 7.44 32.24
C ASP C 116 2.19 6.85 33.56
N SER C 117 3.49 6.63 33.64
CA SER C 117 4.08 5.96 34.80
C SER C 117 3.85 6.78 36.05
N ASN C 118 3.46 8.03 35.82
CA ASN C 118 3.29 9.01 36.92
C ASN C 118 1.83 9.31 37.12
N GLY C 119 1.04 8.36 36.62
CA GLY C 119 -0.40 8.39 36.73
C GLY C 119 -1.11 9.04 35.57
N ASP C 120 -2.38 9.33 35.88
CA ASP C 120 -3.31 9.97 34.95
C ASP C 120 -2.79 11.29 34.45
N ILE C 121 -3.35 11.64 33.32
CA ILE C 121 -2.97 12.82 32.57
C ILE C 121 -4.17 13.54 32.01
N GLU C 122 -4.11 14.85 32.10
CA GLU C 122 -5.17 15.71 31.59
C GLU C 122 -4.52 16.96 31.07
N GLY C 123 -4.79 17.35 29.87
CA GLY C 123 -4.16 18.48 29.17
C GLY C 123 -5.03 19.13 28.10
N VAL C 124 -4.57 20.32 27.79
CA VAL C 124 -5.14 21.19 26.82
C VAL C 124 -4.13 21.12 25.68
N LEU C 125 -4.64 21.37 24.49
CA LEU C 125 -3.86 21.44 23.27
C LEU C 125 -3.41 22.92 23.15
N LYS C 126 -2.10 23.18 23.22
CA LYS C 126 -1.52 24.53 23.02
C LYS C 126 -0.76 24.47 21.69
N ILE C 127 -0.97 25.50 20.87
CA ILE C 127 -0.34 25.56 19.55
C ILE C 127 0.82 26.54 19.54
N VAL C 128 1.44 26.69 20.71
CA VAL C 128 2.71 27.48 20.93
C VAL C 128 3.75 27.22 19.84
N ASP C 129 4.34 28.30 19.32
CA ASP C 129 5.37 28.19 18.26
C ASP C 129 4.92 27.38 17.04
N GLU C 130 3.66 27.59 16.65
CA GLU C 130 3.10 27.00 15.43
C GLU C 130 3.28 25.50 15.42
N GLU C 131 3.86 25.01 16.50
CA GLU C 131 4.05 23.56 16.77
C GLU C 131 3.10 23.12 17.90
N TRP C 132 2.44 21.99 17.67
CA TRP C 132 1.47 21.42 18.63
C TRP C 132 2.08 20.80 19.88
N LEU C 134 1.15 19.59 24.28
CA LEU C 134 0.26 19.13 25.34
C LEU C 134 0.64 19.94 26.62
N GLU C 135 -0.16 20.97 26.89
CA GLU C 135 -0.02 21.80 28.13
C GLU C 135 -0.66 20.94 29.21
N THR C 136 0.16 20.59 30.17
CA THR C 136 -0.28 19.74 31.23
C THR C 136 0.51 20.04 32.49
N ASP C 137 0.20 19.31 33.57
CA ASP C 137 0.83 19.57 34.92
C ASP C 137 2.36 19.22 35.08
N ARG C 138 2.89 18.39 34.18
CA ARG C 138 4.32 17.94 34.25
C ARG C 138 4.84 17.39 32.93
N LEU C 139 6.05 16.84 33.00
CA LEU C 139 6.70 16.21 31.85
C LEU C 139 6.05 14.84 31.67
N ILE C 140 5.38 14.71 30.54
CA ILE C 140 4.76 13.44 30.24
C ILE C 140 5.76 12.50 29.67
N ASP C 141 5.65 11.24 30.10
CA ASP C 141 6.46 10.15 29.50
C ASP C 141 6.29 10.13 28.01
N ARG C 142 7.40 9.80 27.35
CA ARG C 142 7.39 9.69 25.91
C ARG C 142 6.48 8.59 25.42
N GLY C 143 5.90 8.86 24.25
CA GLY C 143 5.02 7.90 23.55
C GLY C 143 3.64 7.80 24.17
N THR C 144 3.44 8.50 25.28
CA THR C 144 2.15 8.46 25.96
C THR C 144 1.11 9.01 25.03
N GLU C 145 0.08 8.18 24.74
CA GLU C 145 -0.99 8.59 23.85
C GLU C 145 -2.01 9.41 24.63
N VAL C 146 -2.43 10.49 24.00
CA VAL C 146 -3.50 11.29 24.52
C VAL C 146 -4.67 11.31 23.56
N THR C 147 -5.81 11.26 24.20
CA THR C 147 -7.11 11.12 23.58
C THR C 147 -8.03 12.24 23.98
N PHE C 148 -8.98 12.57 23.10
CA PHE C 148 -9.97 13.59 23.39
C PHE C 148 -10.75 13.20 24.58
N LYS C 149 -10.97 14.21 25.45
CA LYS C 149 -11.68 14.11 26.69
C LYS C 149 -13.11 13.54 26.48
N PRO C 150 -13.38 12.34 26.98
CA PRO C 150 -14.74 11.80 26.93
C PRO C 150 -15.72 12.86 27.50
N ASP C 151 -16.84 13.15 26.77
CA ASP C 151 -17.91 14.24 27.10
C ASP C 151 -19.20 13.93 26.32
N PHE C 152 -20.10 13.17 26.97
CA PHE C 152 -21.17 12.57 26.20
C PHE C 152 -22.42 13.33 26.38
N ARG C 153 -22.95 13.83 25.24
CA ARG C 153 -24.13 14.69 25.33
C ARG C 153 -25.24 14.20 24.44
N GLU C 154 -26.43 14.15 25.02
CA GLU C 154 -27.68 13.78 24.37
C GLU C 154 -28.36 15.13 24.26
N GLU C 155 -28.36 15.71 23.05
CA GLU C 155 -28.85 17.07 22.73
C GLU C 155 -29.86 17.06 21.57
N GLY C 156 -31.15 17.08 21.91
CA GLY C 156 -32.22 17.03 20.94
C GLY C 156 -32.18 15.62 20.37
N ASP C 157 -32.30 15.55 19.07
CA ASP C 157 -32.25 14.27 18.35
C ASP C 157 -30.81 13.89 18.11
N PHE C 158 -29.91 14.46 18.89
CA PHE C 158 -28.48 14.22 18.70
C PHE C 158 -27.69 13.70 19.91
N ILE C 159 -26.66 13.01 19.49
CA ILE C 159 -25.60 12.47 20.32
C ILE C 159 -24.31 13.19 19.92
N LEU C 160 -23.70 13.86 20.89
CA LEU C 160 -22.43 14.59 20.68
C LEU C 160 -21.41 14.01 21.62
N THR C 161 -20.32 13.55 21.05
CA THR C 161 -19.28 12.94 21.88
C THR C 161 -18.01 12.73 21.09
N PRO C 162 -16.91 12.66 21.80
CA PRO C 162 -15.75 12.30 21.04
C PRO C 162 -15.91 10.86 20.58
N TYR C 163 -15.36 10.59 19.41
CA TYR C 163 -15.22 9.22 18.87
C TYR C 163 -16.48 8.40 18.49
N LEU C 164 -17.52 9.07 18.02
CA LEU C 164 -18.64 8.33 17.43
C LEU C 164 -17.95 7.52 16.33
N ASP C 165 -17.01 8.19 15.71
CA ASP C 165 -16.13 7.56 14.80
C ASP C 165 -15.01 6.88 15.61
N ASP C 166 -14.99 5.55 15.77
CA ASP C 166 -16.01 4.65 15.21
C ASP C 166 -16.65 3.85 16.35
N ARG C 167 -16.78 4.49 17.48
CA ARG C 167 -17.40 3.80 18.61
C ARG C 167 -18.89 3.57 18.37
N LEU C 168 -19.44 4.29 17.39
CA LEU C 168 -20.85 4.14 17.01
C LEU C 168 -20.93 2.85 16.17
N GLY C 169 -19.84 2.60 15.44
CA GLY C 169 -19.78 1.46 14.51
C GLY C 169 -19.66 0.21 15.36
N VAL C 170 -18.82 0.31 16.36
CA VAL C 170 -18.61 -0.82 17.25
C VAL C 170 -19.91 -1.09 17.93
N TRP C 171 -20.59 -0.01 18.25
CA TRP C 171 -21.86 -0.08 18.96
C TRP C 171 -22.89 -0.72 18.09
N THR C 172 -22.84 -0.32 16.84
CA THR C 172 -23.78 -0.83 15.85
C THR C 172 -23.54 -2.29 15.65
N ALA C 173 -22.27 -2.68 15.70
CA ALA C 173 -21.90 -4.08 15.46
C ALA C 173 -22.44 -4.92 16.61
N LEU C 174 -22.41 -4.35 17.81
CA LEU C 174 -22.85 -5.06 19.02
C LEU C 174 -24.36 -5.20 19.02
N GLU C 175 -25.05 -4.26 18.40
CA GLU C 175 -26.53 -4.35 18.27
C GLU C 175 -26.87 -5.48 17.32
N LEU C 176 -26.13 -5.43 16.22
CA LEU C 176 -26.29 -6.38 15.12
C LEU C 176 -26.24 -7.78 15.67
N ALA C 177 -25.27 -7.97 16.53
CA ALA C 177 -24.95 -9.28 17.15
C ALA C 177 -26.12 -9.87 17.94
N LYS C 178 -27.04 -8.99 18.31
CA LYS C 178 -28.16 -9.42 19.13
C LYS C 178 -29.04 -10.38 18.35
N THR C 179 -29.09 -10.17 17.04
CA THR C 179 -29.97 -11.00 16.20
C THR C 179 -29.32 -11.63 14.98
N LEU C 180 -28.07 -11.27 14.70
CA LEU C 180 -27.36 -11.77 13.51
C LEU C 180 -27.33 -13.28 13.58
N GLU C 181 -27.70 -13.91 12.49
CA GLU C 181 -27.76 -15.36 12.46
C GLU C 181 -26.55 -15.90 11.74
N HIS C 182 -26.36 -15.38 10.54
CA HIS C 182 -25.26 -15.74 9.65
C HIS C 182 -24.39 -14.55 9.33
N GLY C 183 -23.13 -14.64 9.69
CA GLY C 183 -22.22 -13.53 9.40
C GLY C 183 -21.04 -13.41 10.31
N ILE C 184 -20.17 -12.51 9.91
CA ILE C 184 -18.95 -12.21 10.64
C ILE C 184 -18.95 -10.76 11.02
N ILE C 185 -18.48 -10.53 12.24
CA ILE C 185 -18.27 -9.18 12.78
C ILE C 185 -16.84 -9.11 13.21
N ALA C 186 -16.11 -8.18 12.63
CA ALA C 186 -14.70 -8.02 12.94
C ALA C 186 -14.43 -6.64 13.49
N PHE C 187 -13.78 -6.65 14.64
CA PHE C 187 -13.38 -5.41 15.30
C PHE C 187 -11.93 -5.19 15.00
N THR C 188 -11.67 -4.07 14.35
CA THR C 188 -10.35 -3.77 13.77
C THR C 188 -9.53 -2.72 14.48
N CYS C 189 -8.27 -2.70 14.08
CA CYS C 189 -7.27 -1.81 14.67
C CYS C 189 -6.53 -0.99 13.64
N TRP C 190 -6.07 0.16 14.09
CA TRP C 190 -5.26 1.08 13.27
C TRP C 190 -5.97 1.72 12.07
N GLU C 191 -7.28 1.62 12.04
CA GLU C 191 -7.99 2.19 10.88
C GLU C 191 -7.75 3.68 10.72
N GLU C 192 -7.65 4.38 11.85
CA GLU C 192 -7.44 5.82 11.81
C GLU C 192 -6.00 6.14 11.43
N HIS C 193 -5.12 5.17 11.55
CA HIS C 193 -3.70 5.43 11.28
C HIS C 193 -2.96 4.40 10.47
N GLY C 194 -3.28 4.35 9.18
CA GLY C 194 -2.59 3.49 8.24
C GLY C 194 -3.07 2.07 8.04
N GLY C 195 -3.74 1.58 9.06
CA GLY C 195 -4.25 0.23 9.10
C GLY C 195 -3.20 -0.80 9.42
N GLY C 196 -3.41 -1.95 8.84
CA GLY C 196 -2.53 -3.11 9.01
C GLY C 196 -3.05 -4.20 9.95
N SER C 197 -4.32 -4.15 10.25
CA SER C 197 -4.93 -5.27 10.96
C SER C 197 -5.86 -5.96 9.98
N VAL C 198 -6.55 -5.16 9.19
CA VAL C 198 -7.54 -5.69 8.25
C VAL C 198 -6.87 -6.56 7.21
N ALA C 199 -5.61 -6.26 6.94
CA ALA C 199 -4.93 -7.04 5.97
C ALA C 199 -4.97 -8.52 6.39
N TYR C 200 -4.63 -8.80 7.65
CA TYR C 200 -4.61 -10.20 8.07
C TYR C 200 -6.02 -10.75 8.26
N LEU C 201 -6.94 -9.87 8.64
CA LEU C 201 -8.32 -10.34 8.77
C LEU C 201 -8.86 -10.69 7.35
N ALA C 202 -8.43 -9.93 6.36
CA ALA C 202 -8.93 -10.16 5.00
C ALA C 202 -8.51 -11.54 4.59
N ARG C 203 -7.31 -11.90 5.00
CA ARG C 203 -6.78 -13.15 4.57
C ARG C 203 -7.45 -14.30 5.27
N TRP C 204 -7.44 -14.20 6.58
CA TRP C 204 -7.90 -15.29 7.41
C TRP C 204 -9.35 -15.62 7.23
N ILE C 205 -10.15 -14.58 7.12
CA ILE C 205 -11.58 -14.72 6.96
C ILE C 205 -11.88 -15.37 5.61
N TYR C 206 -11.23 -14.85 4.59
CA TYR C 206 -11.41 -15.40 3.25
C TYR C 206 -10.95 -16.83 3.17
N GLU C 207 -9.75 -17.08 3.66
CA GLU C 207 -9.20 -18.41 3.55
C GLU C 207 -9.94 -19.44 4.40
N THR C 208 -10.41 -19.00 5.56
CA THR C 208 -11.03 -19.91 6.51
C THR C 208 -12.48 -20.12 6.26
N PHE C 209 -13.16 -19.05 5.89
CA PHE C 209 -14.61 -19.11 5.71
C PHE C 209 -15.10 -18.93 4.31
N HIS C 210 -14.19 -18.54 3.43
CA HIS C 210 -14.52 -18.30 2.04
CA HIS C 210 -14.48 -18.23 2.02
C HIS C 210 -15.54 -17.15 1.92
N VAL C 211 -15.48 -16.23 2.86
CA VAL C 211 -16.34 -15.05 2.83
C VAL C 211 -15.58 -13.96 2.12
N LYS C 212 -16.25 -13.26 1.21
CA LYS C 212 -15.58 -12.21 0.45
C LYS C 212 -16.41 -10.99 0.18
N GLN C 213 -17.47 -10.87 0.98
CA GLN C 213 -18.36 -9.71 0.97
C GLN C 213 -18.21 -9.02 2.29
N SER C 214 -18.17 -7.70 2.24
CA SER C 214 -18.02 -6.93 3.44
C SER C 214 -18.81 -5.69 3.44
N LEU C 215 -19.05 -5.26 4.67
CA LEU C 215 -19.69 -3.98 4.96
C LEU C 215 -18.77 -3.28 5.94
N ILE C 216 -18.48 -2.02 5.66
CA ILE C 216 -17.60 -1.26 6.49
C ILE C 216 -18.50 -0.38 7.34
N CYS C 217 -18.57 -0.78 8.60
CA CYS C 217 -19.43 -0.15 9.58
C CYS C 217 -18.63 0.93 10.28
N ASP C 218 -18.76 2.14 9.76
CA ASP C 218 -17.97 3.28 10.21
C ASP C 218 -18.79 4.49 9.91
N ILE C 219 -18.32 5.59 10.46
CA ILE C 219 -19.01 6.87 10.38
C ILE C 219 -18.46 7.74 9.27
N THR C 220 -19.39 8.36 8.56
CA THR C 220 -19.03 9.26 7.47
C THR C 220 -19.42 10.71 7.79
N TRP C 221 -19.43 11.55 6.79
CA TRP C 221 -19.63 12.99 7.02
C TRP C 221 -20.98 13.50 6.69
N VAL C 222 -21.40 14.51 7.45
CA VAL C 222 -22.57 15.26 7.05
C VAL C 222 -22.09 16.25 5.97
N THR C 223 -22.90 16.30 4.94
CA THR C 223 -22.65 17.03 3.70
C THR C 223 -23.94 17.63 3.17
N GLU C 224 -23.81 18.50 2.16
CA GLU C 224 -24.99 19.12 1.54
C GLU C 224 -25.67 17.99 0.79
N GLY C 225 -24.95 16.88 0.68
CA GLY C 225 -25.46 15.74 -0.07
C GLY C 225 -25.92 14.61 0.83
N VAL C 226 -25.39 14.61 2.03
CA VAL C 226 -25.71 13.59 3.01
C VAL C 226 -26.08 14.34 4.28
N GLU C 227 -27.38 14.43 4.51
CA GLU C 227 -27.90 15.27 5.59
C GLU C 227 -28.16 14.54 6.87
N ALA C 228 -27.88 15.24 7.94
CA ALA C 228 -28.14 14.75 9.27
C ALA C 228 -29.62 14.43 9.38
N GLY C 229 -29.85 13.22 9.90
CA GLY C 229 -31.17 12.69 10.17
C GLY C 229 -32.00 12.33 8.96
N LYS C 230 -31.40 12.34 7.78
CA LYS C 230 -32.12 11.98 6.54
C LYS C 230 -31.81 10.54 6.19
N GLY C 231 -31.14 9.87 7.13
CA GLY C 231 -30.86 8.46 6.99
C GLY C 231 -29.43 8.03 6.85
N VAL C 232 -29.22 6.74 7.07
CA VAL C 232 -27.87 6.14 6.95
C VAL C 232 -27.30 6.28 5.54
N ALA C 233 -26.00 6.44 5.52
CA ALA C 233 -25.28 6.65 4.26
C ALA C 233 -24.76 5.34 3.72
N ILE C 234 -25.02 5.14 2.44
CA ILE C 234 -24.47 3.99 1.70
C ILE C 234 -23.49 4.63 0.77
N SER C 235 -22.22 4.40 1.02
CA SER C 235 -21.19 5.11 0.26
C SER C 235 -20.98 4.47 -1.08
N ARG C 237 -18.84 5.52 -3.10
CA ARG C 237 -17.39 5.69 -3.22
C ARG C 237 -16.88 6.80 -2.38
N ASP C 238 -15.57 6.76 -2.27
CA ASP C 238 -14.80 7.76 -1.57
C ASP C 238 -13.50 7.98 -2.29
N ARG C 239 -12.42 7.84 -1.55
CA ARG C 239 -11.12 7.97 -2.16
C ARG C 239 -11.07 6.81 -3.12
N ILE C 241 -13.03 3.22 -4.84
CA ILE C 241 -14.22 2.85 -5.58
C ILE C 241 -14.52 1.35 -5.50
N PRO C 242 -15.62 1.01 -4.86
CA PRO C 242 -15.89 -0.41 -4.87
C PRO C 242 -16.58 -0.82 -6.14
N ARG C 243 -16.84 -2.12 -6.27
CA ARG C 243 -17.49 -2.62 -7.46
C ARG C 243 -18.89 -2.20 -7.55
N LYS C 244 -19.16 -1.57 -8.68
CA LYS C 244 -20.48 -1.02 -8.92
C LYS C 244 -21.59 -2.07 -8.69
N LYS C 245 -21.33 -3.28 -9.15
CA LYS C 245 -22.39 -4.30 -9.14
C LYS C 245 -22.68 -4.63 -7.69
N TYR C 246 -21.69 -4.46 -6.85
CA TYR C 246 -21.85 -4.78 -5.42
C TYR C 246 -22.63 -3.69 -4.74
N VAL C 247 -22.22 -2.46 -4.99
CA VAL C 247 -22.88 -1.33 -4.42
C VAL C 247 -24.34 -1.39 -4.86
N ASN C 248 -24.56 -1.67 -6.13
CA ASN C 248 -25.95 -1.67 -6.67
C ASN C 248 -26.80 -2.72 -5.99
N ARG C 249 -26.16 -3.84 -5.73
CA ARG C 249 -26.87 -4.94 -5.13
C ARG C 249 -27.35 -4.50 -3.74
N ILE C 250 -26.51 -3.74 -3.06
CA ILE C 250 -26.81 -3.25 -1.74
C ILE C 250 -27.94 -2.23 -1.76
N ILE C 251 -27.91 -1.36 -2.77
CA ILE C 251 -28.90 -0.30 -2.88
C ILE C 251 -30.24 -0.92 -3.22
N GLU C 252 -30.19 -1.97 -4.02
CA GLU C 252 -31.43 -2.66 -4.40
C GLU C 252 -32.08 -3.21 -3.16
N LEU C 253 -31.28 -3.93 -2.40
CA LEU C 253 -31.73 -4.51 -1.16
C LEU C 253 -32.27 -3.40 -0.23
N ALA C 254 -31.58 -2.27 -0.19
CA ALA C 254 -31.98 -1.21 0.77
C ALA C 254 -33.32 -0.70 0.37
N ARG C 255 -33.54 -0.64 -0.93
CA ARG C 255 -34.80 -0.17 -1.50
C ARG C 255 -35.93 -1.19 -1.35
N GLN C 256 -35.62 -2.34 -0.79
CA GLN C 256 -36.68 -3.33 -0.58
C GLN C 256 -37.28 -2.98 0.78
N THR C 257 -36.62 -1.99 1.35
CA THR C 257 -36.84 -1.51 2.71
C THR C 257 -37.47 -0.14 2.83
N ASP C 258 -38.02 0.11 4.01
CA ASP C 258 -38.62 1.43 4.29
C ASP C 258 -37.70 2.15 5.26
N ILE C 259 -36.49 1.63 5.33
CA ILE C 259 -35.44 2.24 6.13
C ILE C 259 -34.89 3.39 5.31
N PRO C 260 -34.77 4.58 5.94
CA PRO C 260 -34.21 5.67 5.18
C PRO C 260 -32.70 5.57 5.08
N PHE C 261 -32.23 5.91 3.88
CA PHE C 261 -30.82 5.94 3.61
C PHE C 261 -30.50 6.95 2.52
N GLN C 262 -29.25 7.36 2.53
CA GLN C 262 -28.77 8.30 1.56
C GLN C 262 -27.54 7.73 0.87
N LEU C 263 -27.45 8.09 -0.39
CA LEU C 263 -26.35 7.71 -1.26
C LEU C 263 -25.24 8.71 -1.22
N GLU C 264 -24.14 8.31 -0.60
CA GLU C 264 -22.94 9.14 -0.55
C GLU C 264 -22.00 8.88 -1.75
N VAL C 265 -21.56 9.98 -2.35
CA VAL C 265 -20.58 9.91 -3.42
C VAL C 265 -19.51 10.94 -3.14
N GLU C 266 -18.42 10.45 -2.55
CA GLU C 266 -17.28 11.30 -2.18
C GLU C 266 -16.06 11.03 -3.04
N GLY C 267 -15.17 12.01 -3.03
CA GLY C 267 -13.93 11.97 -3.81
C GLY C 267 -12.75 11.78 -2.90
N ALA C 268 -13.04 11.63 -1.61
CA ALA C 268 -11.98 11.46 -0.60
C ALA C 268 -12.44 10.69 0.59
N GLY C 269 -11.48 10.34 1.40
CA GLY C 269 -11.73 9.53 2.59
C GLY C 269 -11.59 8.06 2.30
N ALA C 270 -11.03 7.37 3.25
CA ALA C 270 -10.91 5.94 3.12
C ALA C 270 -11.29 5.26 4.40
N SER C 271 -11.34 3.95 4.33
CA SER C 271 -11.77 3.14 5.45
C SER C 271 -11.14 1.80 5.40
N ASP C 272 -11.66 0.96 6.26
CA ASP C 272 -11.21 -0.41 6.33
C ASP C 272 -11.46 -1.06 4.99
N GLY C 273 -12.37 -0.47 4.25
CA GLY C 273 -12.74 -0.99 2.96
C GLY C 273 -11.59 -0.90 1.97
N ARG C 274 -10.69 0.01 2.22
CA ARG C 274 -9.58 0.20 1.30
C ARG C 274 -8.58 -0.93 1.44
N GLU C 275 -8.43 -1.36 2.66
CA GLU C 275 -7.43 -2.36 3.01
C GLU C 275 -7.89 -3.66 2.39
N LEU C 276 -9.20 -3.85 2.44
CA LEU C 276 -9.79 -5.04 1.84
C LEU C 276 -9.56 -5.02 0.31
N GLN C 277 -9.83 -3.86 -0.25
CA GLN C 277 -9.77 -3.71 -1.71
C GLN C 277 -8.42 -4.08 -2.24
N LEU C 278 -7.43 -3.70 -1.44
CA LEU C 278 -6.01 -3.78 -1.82
C LEU C 278 -5.36 -5.07 -1.38
N SER C 279 -6.14 -5.85 -0.65
CA SER C 279 -5.65 -7.14 -0.14
C SER C 279 -5.50 -8.13 -1.26
N PRO C 280 -4.73 -9.19 -1.02
CA PRO C 280 -4.58 -10.20 -2.02
C PRO C 280 -5.78 -11.14 -2.04
N TYR C 281 -6.90 -10.66 -1.54
CA TYR C 281 -8.14 -11.46 -1.51
C TYR C 281 -9.29 -10.69 -2.13
N PRO C 282 -10.08 -11.38 -2.98
CA PRO C 282 -11.14 -10.84 -3.85
C PRO C 282 -12.36 -10.35 -3.11
N TRP C 283 -12.11 -9.41 -2.21
CA TRP C 283 -13.17 -8.83 -1.41
C TRP C 283 -13.93 -7.79 -2.13
N ASP C 284 -15.23 -7.89 -1.92
CA ASP C 284 -16.17 -6.83 -2.25
C ASP C 284 -16.38 -6.12 -0.94
N TRP C 285 -16.56 -4.82 -1.02
CA TRP C 285 -16.80 -4.01 0.15
C TRP C 285 -17.71 -2.86 -0.20
N CYS C 286 -18.25 -2.33 0.87
CA CYS C 286 -19.15 -1.19 0.84
C CYS C 286 -19.26 -0.53 2.17
N PHE C 287 -18.97 0.75 2.17
CA PHE C 287 -18.98 1.53 3.40
C PHE C 287 -20.41 1.97 3.63
N ILE C 288 -20.91 1.64 4.82
CA ILE C 288 -22.28 1.99 5.24
C ILE C 288 -22.34 2.40 6.69
N GLY C 289 -22.79 3.62 6.90
CA GLY C 289 -22.88 4.19 8.22
C GLY C 289 -23.51 5.57 8.27
N ALA C 290 -23.80 5.96 9.50
CA ALA C 290 -24.40 7.24 9.78
C ALA C 290 -23.42 8.36 9.49
N PRO C 291 -23.95 9.54 9.15
CA PRO C 291 -23.14 10.72 8.90
C PRO C 291 -22.99 11.55 10.13
N GLU C 292 -21.87 12.25 10.24
CA GLU C 292 -21.64 13.10 11.40
C GLU C 292 -21.13 14.47 11.06
N LYS C 293 -21.46 15.39 11.95
CA LYS C 293 -21.01 16.76 11.86
C LYS C 293 -19.75 16.81 12.70
N ASP C 294 -18.78 17.59 12.24
CA ASP C 294 -17.57 17.81 13.01
C ASP C 294 -16.75 16.56 13.23
N ALA C 295 -16.67 15.75 12.19
CA ALA C 295 -15.84 14.55 12.27
C ALA C 295 -14.48 14.90 12.85
N HIS C 296 -13.97 13.95 13.60
CA HIS C 296 -12.61 14.00 14.12
C HIS C 296 -12.35 15.11 15.10
N THR C 297 -13.42 15.79 15.49
CA THR C 297 -13.32 16.79 16.54
C THR C 297 -13.83 16.15 17.84
N PRO C 298 -13.67 16.84 18.96
CA PRO C 298 -14.24 16.29 20.19
C PRO C 298 -15.77 16.34 20.24
N ASN C 299 -16.35 16.85 19.17
CA ASN C 299 -17.80 17.16 19.14
C ASN C 299 -18.55 16.41 18.13
N GLU C 300 -17.99 15.27 17.77
CA GLU C 300 -18.66 14.42 16.82
C GLU C 300 -20.11 14.34 17.19
N CYS C 301 -20.93 14.57 16.17
CA CYS C 301 -22.35 14.63 16.34
C CYS C 301 -23.09 13.87 15.27
N VAL C 302 -23.92 12.95 15.73
CA VAL C 302 -24.84 12.23 14.87
C VAL C 302 -26.28 12.31 15.38
N HIS C 303 -27.18 12.16 14.43
CA HIS C 303 -28.65 12.21 14.67
C HIS C 303 -29.13 10.81 15.07
N LYS C 304 -29.93 10.76 16.12
CA LYS C 304 -30.39 9.45 16.66
C LYS C 304 -31.09 8.61 15.56
N LYS C 305 -31.74 9.28 14.62
CA LYS C 305 -32.55 8.59 13.60
C LYS C 305 -31.65 7.90 12.57
N ASP C 306 -30.44 8.42 12.46
CA ASP C 306 -29.49 7.89 11.51
C ASP C 306 -28.82 6.67 12.12
N ILE C 307 -28.78 6.65 13.44
CA ILE C 307 -28.20 5.53 14.16
C ILE C 307 -29.13 4.37 13.94
N GLU C 308 -30.38 4.71 14.11
CA GLU C 308 -31.49 3.77 14.06
C GLU C 308 -31.59 3.12 12.70
N SER C 309 -31.31 3.93 11.68
CA SER C 309 -31.39 3.46 10.30
C SER C 309 -30.20 2.57 10.02
N VAL C 311 -28.45 0.73 12.13
CA VAL C 311 -28.70 -0.57 12.76
C VAL C 311 -29.68 -1.41 11.94
N GLY C 312 -30.74 -0.76 11.51
CA GLY C 312 -31.79 -1.42 10.77
C GLY C 312 -31.27 -1.93 9.46
N LEU C 313 -30.53 -1.08 8.76
CA LEU C 313 -30.06 -1.44 7.41
C LEU C 313 -29.07 -2.58 7.52
N TYR C 314 -28.20 -2.48 8.53
CA TYR C 314 -27.21 -3.52 8.76
C TYR C 314 -27.91 -4.84 9.02
N LYS C 315 -28.94 -4.80 9.85
CA LYS C 315 -29.62 -6.07 10.18
C LYS C 315 -30.15 -6.74 8.93
N TYR C 316 -30.71 -5.91 8.06
CA TYR C 316 -31.40 -6.38 6.89
C TYR C 316 -30.41 -6.95 5.90
N LEU C 317 -29.42 -6.13 5.60
CA LEU C 317 -28.40 -6.49 4.61
C LEU C 317 -27.67 -7.75 4.98
N GLU C 319 -28.80 -10.16 6.46
CA GLU C 319 -29.69 -11.29 6.32
C GLU C 319 -29.89 -11.63 4.85
N LYS C 320 -29.73 -10.61 4.02
CA LYS C 320 -30.03 -10.71 2.58
C LYS C 320 -28.85 -10.82 1.62
N LEU C 321 -27.70 -10.31 2.02
CA LEU C 321 -26.52 -10.42 1.16
C LEU C 321 -26.02 -11.88 1.18
#